data_2PJ7
#
_entry.id   2PJ7
#
_cell.length_a   66.642
_cell.length_b   96.377
_cell.length_c   136.277
_cell.angle_alpha   90.00
_cell.angle_beta   90.00
_cell.angle_gamma   90.00
#
_symmetry.space_group_name_H-M   'P 21 21 21'
#
loop_
_entity.id
_entity.type
_entity.pdbx_description
1 polymer 'Carboxypeptidase B'
2 non-polymer 'ZINC ION'
3 non-polymer '(2S)-2-[3-(AMINOMETHYL)PHENYL]-3-[(R)-HYDROXY{(1R)-2-METHYL-1-[(PHENYLSULFONYL)AMINO]PROPYL}PHOSPHORYL]PROPANOIC ACID'
4 water water
#
_entity_poly.entity_id   1
_entity_poly.type   'polypeptide(L)'
_entity_poly.pdbx_seq_one_letter_code
;TTGHSYEKYNNWETIEAWTKQVTSENPDLISRTAIGTTFLGNNIYLLKVGKPGPNKPAIFMDCGFHAREWISHAFCQWFV
REAVLTYGYESHMTEFLNKLDFYVLPVLNIDGYIYTWTKNRMWRKTRSTNAGTTCIGTDPNRNFDAGWCTTGASTDPCDE
TYCGSAAESEKETKALADFIRNNLSSIKAYLTIHSYSQMILYPYSYDYKLPENNAELNNLAKAAVKELATLYGTKYTYGP
GATTIYPAAGGSDDWAYDQGIKYSFTFELRDKGRYGFILPESQIQATCEETMLAIKYVTNYVLGHL
;
_entity_poly.pdbx_strand_id   A,B,C
#
# COMPACT_ATOMS: atom_id res chain seq x y z
N GLY A 3 35.66 12.65 -1.79
CA GLY A 3 36.99 12.34 -2.27
C GLY A 3 37.27 10.86 -2.24
N HIS A 4 38.41 10.46 -2.78
CA HIS A 4 38.79 9.06 -2.88
C HIS A 4 39.45 8.56 -1.59
N SER A 5 39.09 7.35 -1.17
CA SER A 5 39.83 6.65 -0.11
C SER A 5 40.04 5.18 -0.47
N TYR A 6 41.23 4.66 -0.18
CA TYR A 6 41.53 3.26 -0.48
C TYR A 6 40.90 2.29 0.52
N GLU A 7 40.41 2.81 1.65
CA GLU A 7 39.72 1.95 2.61
C GLU A 7 38.22 2.24 2.66
N LYS A 8 37.69 2.85 1.60
CA LYS A 8 36.25 2.94 1.43
C LYS A 8 35.85 2.53 0.01
N TYR A 9 34.58 2.17 -0.17
CA TYR A 9 34.09 1.94 -1.52
C TYR A 9 33.78 3.29 -2.16
N ASN A 10 34.27 3.48 -3.37
CA ASN A 10 34.18 4.76 -4.06
C ASN A 10 33.19 4.66 -5.22
N ASN A 11 32.35 5.68 -5.40
CA ASN A 11 31.45 5.66 -6.55
C ASN A 11 32.21 5.94 -7.83
N TRP A 12 31.56 5.71 -8.98
CA TRP A 12 32.27 5.78 -10.25
C TRP A 12 32.89 7.15 -10.51
N GLU A 13 32.17 8.21 -10.16
CA GLU A 13 32.67 9.55 -10.40
C GLU A 13 34.01 9.71 -9.71
N THR A 14 34.09 9.16 -8.51
CA THR A 14 35.30 9.23 -7.70
C THR A 14 36.41 8.33 -8.25
N ILE A 15 36.05 7.11 -8.63
CA ILE A 15 37.04 6.20 -9.21
C ILE A 15 37.57 6.80 -10.51
N GLU A 16 36.66 7.37 -11.31
CA GLU A 16 37.06 7.97 -12.57
C GLU A 16 38.09 9.08 -12.34
N ALA A 17 37.81 9.98 -11.40
CA ALA A 17 38.71 11.09 -11.11
C ALA A 17 40.03 10.55 -10.56
N TRP A 18 39.94 9.44 -9.83
CA TRP A 18 41.11 8.79 -9.28
C TRP A 18 42.04 8.27 -10.37
N THR A 19 41.47 7.66 -11.42
CA THR A 19 42.30 7.14 -12.52
C THR A 19 43.08 8.27 -13.17
N LYS A 20 42.47 9.45 -13.22
CA LYS A 20 43.13 10.61 -13.80
C LYS A 20 44.23 11.12 -12.86
N GLN A 21 43.90 11.22 -11.58
CA GLN A 21 44.84 11.76 -10.61
C GLN A 21 46.05 10.85 -10.40
N VAL A 22 45.79 9.56 -10.22
CA VAL A 22 46.86 8.64 -9.86
C VAL A 22 47.85 8.56 -11.04
N THR A 23 47.31 8.68 -12.25
CA THR A 23 48.12 8.70 -13.46
C THR A 23 48.92 10.00 -13.56
N SER A 24 48.25 11.13 -13.34
CA SER A 24 48.91 12.44 -13.41
C SER A 24 50.05 12.50 -12.41
N GLU A 25 49.87 11.85 -11.26
CA GLU A 25 50.84 11.92 -10.18
C GLU A 25 51.97 10.91 -10.34
N ASN A 26 51.80 9.97 -11.27
CA ASN A 26 52.79 8.92 -11.49
C ASN A 26 52.99 8.58 -12.96
N PRO A 27 53.25 9.59 -13.81
CA PRO A 27 53.38 9.33 -15.24
C PRO A 27 54.55 8.41 -15.62
N ASP A 28 55.50 8.23 -14.71
CA ASP A 28 56.63 7.35 -14.99
C ASP A 28 56.33 5.90 -14.62
N LEU A 29 55.13 5.64 -14.11
CA LEU A 29 54.73 4.28 -13.76
C LEU A 29 53.34 3.90 -14.27
N ILE A 30 52.57 4.89 -14.70
CA ILE A 30 51.20 4.65 -15.15
C ILE A 30 50.83 5.48 -16.37
N SER A 31 50.16 4.85 -17.33
CA SER A 31 49.47 5.58 -18.39
C SER A 31 48.02 5.12 -18.45
N ARG A 32 47.12 6.04 -18.78
CA ARG A 32 45.70 5.71 -18.84
C ARG A 32 45.21 5.79 -20.28
N THR A 33 44.48 4.76 -20.69
CA THR A 33 43.79 4.79 -21.97
C THR A 33 42.34 4.34 -21.76
N ALA A 34 41.46 4.74 -22.67
CA ALA A 34 40.10 4.21 -22.69
C ALA A 34 40.02 3.16 -23.80
N ILE A 35 39.46 2.01 -23.49
CA ILE A 35 39.40 0.92 -24.47
C ILE A 35 38.01 0.77 -25.06
N GLY A 36 37.08 1.59 -24.60
CA GLY A 36 35.74 1.58 -25.16
C GLY A 36 34.76 2.31 -24.28
N THR A 37 33.49 2.31 -24.68
CA THR A 37 32.44 2.88 -23.86
C THR A 37 31.43 1.81 -23.47
N THR A 38 30.79 2.01 -22.34
CA THR A 38 29.74 1.10 -21.88
C THR A 38 28.45 1.41 -22.62
N PHE A 39 27.41 0.63 -22.35
CA PHE A 39 26.13 0.83 -23.01
C PHE A 39 25.60 2.24 -22.74
N LEU A 40 25.78 2.72 -21.51
CA LEU A 40 25.30 4.04 -21.11
C LEU A 40 26.33 5.16 -21.27
N GLY A 41 27.43 4.86 -21.97
CA GLY A 41 28.33 5.93 -22.38
C GLY A 41 29.42 6.29 -21.40
N ASN A 42 29.65 5.43 -20.41
CA ASN A 42 30.77 5.62 -19.49
C ASN A 42 32.06 5.09 -20.12
N ASN A 43 33.19 5.67 -19.71
CA ASN A 43 34.47 5.37 -20.33
C ASN A 43 35.13 4.20 -19.63
N ILE A 44 35.51 3.18 -20.40
CA ILE A 44 36.15 2.00 -19.83
C ILE A 44 37.65 2.22 -19.79
N TYR A 45 38.15 2.59 -18.62
CA TYR A 45 39.56 2.94 -18.49
C TYR A 45 40.43 1.72 -18.29
N LEU A 46 41.64 1.80 -18.84
CA LEU A 46 42.66 0.79 -18.62
C LEU A 46 43.94 1.50 -18.17
N LEU A 47 44.50 1.04 -17.07
CA LEU A 47 45.74 1.59 -16.55
C LEU A 47 46.87 0.62 -16.86
N LYS A 48 47.89 1.11 -17.56
CA LYS A 48 49.08 0.31 -17.81
C LYS A 48 50.11 0.66 -16.73
N VAL A 49 50.32 -0.28 -15.82
CA VAL A 49 51.17 -0.04 -14.66
C VAL A 49 52.50 -0.73 -14.88
N GLY A 50 53.59 0.02 -14.79
CA GLY A 50 54.91 -0.55 -14.99
C GLY A 50 55.88 0.50 -15.50
N LYS A 51 57.17 0.19 -15.47
CA LYS A 51 58.18 1.12 -15.93
C LYS A 51 58.30 1.01 -17.45
N PRO A 52 57.99 2.10 -18.16
CA PRO A 52 57.89 2.05 -19.62
C PRO A 52 59.17 1.54 -20.27
N GLY A 53 58.99 0.81 -21.37
CA GLY A 53 60.12 0.21 -22.06
C GLY A 53 59.67 -0.54 -23.30
N PRO A 54 60.62 -0.94 -24.15
CA PRO A 54 60.30 -1.57 -25.44
C PRO A 54 59.74 -2.98 -25.28
N ASN A 55 58.68 -3.27 -26.01
CA ASN A 55 58.03 -4.58 -25.93
C ASN A 55 57.44 -4.76 -24.54
N LYS A 56 58.09 -5.58 -23.73
CA LYS A 56 57.62 -5.93 -22.40
C LYS A 56 56.43 -6.88 -22.43
N PRO A 57 56.52 -8.01 -21.72
CA PRO A 57 55.39 -8.92 -21.52
C PRO A 57 54.42 -8.24 -20.57
N ALA A 58 53.23 -8.82 -20.41
CA ALA A 58 52.22 -8.19 -19.57
C ALA A 58 51.35 -9.21 -18.87
N ILE A 59 50.77 -8.79 -17.76
CA ILE A 59 49.71 -9.53 -17.10
C ILE A 59 48.47 -8.65 -17.11
N PHE A 60 47.34 -9.24 -17.49
CA PHE A 60 46.09 -8.49 -17.54
C PHE A 60 45.26 -8.86 -16.31
N MET A 61 44.72 -7.84 -15.63
CA MET A 61 43.84 -8.05 -14.51
C MET A 61 42.64 -7.10 -14.59
N ASP A 62 41.43 -7.64 -14.44
CA ASP A 62 40.26 -6.80 -14.36
C ASP A 62 39.50 -6.99 -13.06
N CYS A 63 38.77 -5.95 -12.68
CA CYS A 63 37.87 -5.98 -11.54
C CYS A 63 36.50 -5.47 -12.01
N GLY A 64 35.47 -5.73 -11.22
CA GLY A 64 34.19 -5.09 -11.44
C GLY A 64 33.36 -5.66 -12.58
N PHE A 65 33.55 -6.95 -12.88
CA PHE A 65 32.68 -7.66 -13.81
C PHE A 65 31.24 -7.62 -13.31
N HIS A 66 31.07 -7.94 -12.04
CA HIS A 66 29.75 -7.99 -11.44
C HIS A 66 29.54 -6.81 -10.49
N ALA A 67 28.47 -6.07 -10.72
CA ALA A 67 28.27 -4.76 -10.11
C ALA A 67 28.32 -4.76 -8.58
N ARG A 68 27.67 -5.73 -7.95
CA ARG A 68 27.51 -5.74 -6.49
C ARG A 68 28.74 -6.25 -5.74
N GLU A 69 29.75 -6.70 -6.49
CA GLU A 69 30.93 -7.31 -5.86
C GLU A 69 31.96 -6.24 -5.55
N TRP A 70 31.60 -5.32 -4.65
CA TRP A 70 32.35 -4.09 -4.47
C TRP A 70 33.79 -4.26 -4.00
N ILE A 71 34.10 -5.34 -3.30
CA ILE A 71 35.47 -5.53 -2.84
C ILE A 71 36.39 -5.76 -4.04
N SER A 72 35.82 -6.24 -5.15
CA SER A 72 36.59 -6.42 -6.38
C SER A 72 37.13 -5.10 -6.90
N HIS A 73 36.24 -4.13 -7.07
CA HIS A 73 36.61 -2.79 -7.52
C HIS A 73 37.66 -2.22 -6.58
N ALA A 74 37.45 -2.42 -5.29
CA ALA A 74 38.37 -1.87 -4.30
C ALA A 74 39.77 -2.44 -4.49
N PHE A 75 39.87 -3.72 -4.84
CA PHE A 75 41.18 -4.34 -4.95
C PHE A 75 42.03 -3.78 -6.10
N CYS A 76 41.43 -3.55 -7.27
CA CYS A 76 42.23 -3.02 -8.37
C CYS A 76 42.85 -1.68 -7.99
N GLN A 77 42.10 -0.83 -7.31
CA GLN A 77 42.62 0.45 -6.85
C GLN A 77 43.75 0.24 -5.85
N TRP A 78 43.51 -0.63 -4.87
CA TRP A 78 44.52 -0.93 -3.86
C TRP A 78 45.81 -1.42 -4.54
N PHE A 79 45.66 -2.27 -5.54
CA PHE A 79 46.81 -2.84 -6.24
C PHE A 79 47.65 -1.76 -6.88
N VAL A 80 46.99 -0.78 -7.47
CA VAL A 80 47.69 0.28 -8.17
C VAL A 80 48.51 1.13 -7.21
N ARG A 81 47.92 1.51 -6.08
CA ARG A 81 48.69 2.26 -5.10
C ARG A 81 49.91 1.49 -4.62
N GLU A 82 49.71 0.22 -4.29
CA GLU A 82 50.81 -0.63 -3.84
C GLU A 82 51.97 -0.61 -4.82
N ALA A 83 51.65 -0.76 -6.10
CA ALA A 83 52.65 -0.78 -7.16
C ALA A 83 53.44 0.52 -7.18
N VAL A 84 52.73 1.65 -7.15
CA VAL A 84 53.40 2.94 -7.28
C VAL A 84 54.19 3.33 -6.03
N LEU A 85 53.64 3.06 -4.85
CA LEU A 85 54.29 3.47 -3.62
C LEU A 85 55.55 2.66 -3.32
N THR A 86 55.56 1.39 -3.71
CA THR A 86 56.67 0.52 -3.35
C THR A 86 57.70 0.31 -4.45
N TYR A 87 57.43 0.80 -5.65
CA TYR A 87 58.41 0.67 -6.71
C TYR A 87 59.71 1.35 -6.30
N GLY A 88 60.81 0.61 -6.39
CA GLY A 88 62.10 1.18 -6.05
C GLY A 88 62.53 0.82 -4.64
N TYR A 89 61.56 0.38 -3.84
CA TYR A 89 61.83 0.10 -2.43
C TYR A 89 61.66 -1.37 -2.09
N GLU A 90 60.61 -1.99 -2.63
CA GLU A 90 60.41 -3.43 -2.46
C GLU A 90 60.98 -4.16 -3.67
N SER A 91 61.91 -5.08 -3.43
CA SER A 91 62.66 -5.74 -4.49
C SER A 91 61.78 -6.40 -5.55
N HIS A 92 60.76 -7.13 -5.12
CA HIS A 92 59.93 -7.88 -6.05
C HIS A 92 59.12 -6.96 -6.96
N MET A 93 58.40 -6.01 -6.37
CA MET A 93 57.58 -5.11 -7.17
C MET A 93 58.46 -4.32 -8.14
N THR A 94 59.65 -3.96 -7.70
CA THR A 94 60.55 -3.20 -8.56
C THR A 94 60.92 -4.00 -9.80
N GLU A 95 61.31 -5.26 -9.60
CA GLU A 95 61.64 -6.12 -10.73
C GLU A 95 60.40 -6.38 -11.58
N PHE A 96 59.25 -6.55 -10.93
CA PHE A 96 58.01 -6.82 -11.66
C PHE A 96 57.73 -5.69 -12.64
N LEU A 97 57.73 -4.46 -12.14
CA LEU A 97 57.38 -3.32 -12.98
C LEU A 97 58.50 -3.00 -13.97
N ASN A 98 59.71 -3.42 -13.67
CA ASN A 98 60.82 -3.24 -14.61
C ASN A 98 60.69 -4.19 -15.79
N LYS A 99 60.26 -5.42 -15.51
CA LYS A 99 60.29 -6.47 -16.52
C LYS A 99 58.99 -6.58 -17.30
N LEU A 100 57.88 -6.25 -16.67
CA LEU A 100 56.58 -6.42 -17.30
C LEU A 100 55.62 -5.28 -17.01
N ASP A 101 54.49 -5.28 -17.72
CA ASP A 101 53.42 -4.35 -17.42
C ASP A 101 52.23 -5.11 -16.84
N PHE A 102 51.54 -4.49 -15.90
CA PHE A 102 50.21 -4.93 -15.50
C PHE A 102 49.20 -4.07 -16.25
N TYR A 103 48.32 -4.70 -17.02
CA TYR A 103 47.18 -4.00 -17.58
C TYR A 103 46.04 -4.13 -16.58
N VAL A 104 45.72 -3.05 -15.89
CA VAL A 104 44.70 -3.08 -14.86
C VAL A 104 43.45 -2.35 -15.30
N LEU A 105 42.33 -3.06 -15.31
CA LEU A 105 41.05 -2.49 -15.71
C LEU A 105 40.20 -2.42 -14.45
N PRO A 106 40.13 -1.24 -13.82
CA PRO A 106 39.56 -1.07 -12.48
C PRO A 106 38.07 -1.40 -12.36
N VAL A 107 37.30 -1.08 -13.39
CA VAL A 107 35.89 -1.43 -13.41
C VAL A 107 35.43 -1.71 -14.84
N LEU A 108 34.99 -2.92 -15.10
CA LEU A 108 34.48 -3.26 -16.43
C LEU A 108 33.03 -2.85 -16.57
N ASN A 109 32.20 -3.34 -15.65
CA ASN A 109 30.76 -3.14 -15.71
C ASN A 109 30.39 -1.86 -14.95
N ILE A 110 30.76 -0.72 -15.53
CA ILE A 110 30.57 0.57 -14.89
C ILE A 110 29.10 0.92 -14.72
N ASP A 111 28.30 0.67 -15.76
CA ASP A 111 26.88 1.00 -15.72
C ASP A 111 26.19 0.27 -14.57
N GLY A 112 26.56 -1.00 -14.39
CA GLY A 112 25.95 -1.77 -13.32
C GLY A 112 26.40 -1.28 -11.96
N TYR A 113 27.69 -0.97 -11.86
CA TYR A 113 28.26 -0.46 -10.62
C TYR A 113 27.54 0.82 -10.20
N ILE A 114 27.33 1.72 -11.14
CA ILE A 114 26.61 2.95 -10.85
C ILE A 114 25.22 2.64 -10.32
N TYR A 115 24.56 1.68 -10.97
CA TYR A 115 23.22 1.29 -10.54
C TYR A 115 23.19 0.77 -9.10
N THR A 116 24.27 0.11 -8.67
CA THR A 116 24.31 -0.38 -7.28
C THR A 116 24.45 0.75 -6.27
N TRP A 117 24.97 1.89 -6.74
CA TRP A 117 25.10 3.07 -5.90
C TRP A 117 23.83 3.90 -5.86
N THR A 118 23.06 3.87 -6.94
CA THR A 118 21.95 4.81 -7.10
C THR A 118 20.58 4.17 -6.89
N LYS A 119 20.47 2.87 -7.17
CA LYS A 119 19.15 2.22 -7.16
C LYS A 119 19.08 0.89 -6.43
N ASN A 120 19.95 -0.05 -6.79
CA ASN A 120 19.84 -1.39 -6.23
C ASN A 120 21.20 -2.01 -5.95
N ARG A 121 21.55 -2.09 -4.67
CA ARG A 121 22.86 -2.54 -4.23
C ARG A 121 23.20 -3.95 -4.67
N MET A 122 22.18 -4.75 -4.99
CA MET A 122 22.38 -6.16 -5.35
C MET A 122 22.31 -6.42 -6.84
N TRP A 123 22.34 -5.36 -7.66
CA TRP A 123 22.40 -5.56 -9.10
C TRP A 123 23.69 -6.26 -9.50
N ARG A 124 23.61 -7.07 -10.56
CA ARG A 124 24.73 -7.92 -10.98
C ARG A 124 25.14 -7.64 -12.41
N LYS A 125 24.15 -7.57 -13.29
CA LYS A 125 24.36 -7.58 -14.73
C LYS A 125 24.75 -6.21 -15.25
N THR A 126 24.88 -6.10 -16.57
CA THR A 126 25.05 -4.79 -17.18
C THR A 126 23.71 -4.09 -17.14
N ARG A 127 23.61 -2.95 -17.83
CA ARG A 127 22.37 -2.18 -17.82
C ARG A 127 21.85 -1.95 -19.22
N SER A 128 22.23 -2.81 -20.16
CA SER A 128 21.77 -2.68 -21.55
C SER A 128 20.33 -3.16 -21.70
N THR A 129 19.62 -2.57 -22.65
CA THR A 129 18.25 -2.96 -22.92
C THR A 129 18.19 -4.24 -23.74
N ASN A 130 17.05 -4.92 -23.65
CA ASN A 130 16.83 -6.16 -24.38
C ASN A 130 15.57 -6.06 -25.22
N ALA A 131 15.68 -6.40 -26.49
CA ALA A 131 14.54 -6.31 -27.41
C ALA A 131 13.37 -7.14 -26.90
N GLY A 132 12.18 -6.56 -26.95
CA GLY A 132 10.96 -7.32 -26.70
C GLY A 132 10.63 -7.54 -25.23
N THR A 133 11.40 -6.94 -24.33
CA THR A 133 11.11 -7.05 -22.90
C THR A 133 11.51 -5.78 -22.17
N THR A 134 10.97 -5.60 -20.97
CA THR A 134 11.38 -4.50 -20.12
C THR A 134 12.60 -4.89 -19.30
N CYS A 135 12.91 -6.19 -19.28
CA CYS A 135 14.02 -6.67 -18.48
C CYS A 135 15.36 -6.12 -18.96
N ILE A 136 16.24 -5.83 -18.01
CA ILE A 136 17.50 -5.13 -18.31
C ILE A 136 18.72 -6.02 -18.00
N GLY A 137 19.69 -6.00 -18.90
CA GLY A 137 21.02 -6.46 -18.53
C GLY A 137 21.42 -7.86 -18.93
N THR A 138 22.72 -8.02 -19.17
CA THR A 138 23.34 -9.29 -19.51
C THR A 138 24.42 -9.62 -18.48
N ASP A 139 24.59 -10.89 -18.17
CA ASP A 139 25.67 -11.32 -17.29
C ASP A 139 26.97 -11.32 -18.10
N PRO A 140 27.90 -10.41 -17.79
CA PRO A 140 29.13 -10.33 -18.58
C PRO A 140 29.98 -11.60 -18.50
N ASN A 141 29.90 -12.31 -17.37
CA ASN A 141 30.69 -13.53 -17.22
C ASN A 141 29.96 -14.76 -17.76
N ARG A 142 28.93 -14.52 -18.56
CA ARG A 142 28.33 -15.57 -19.39
C ARG A 142 28.32 -15.12 -20.85
N ASN A 143 29.05 -14.05 -21.15
CA ASN A 143 28.93 -13.41 -22.46
C ASN A 143 30.14 -13.60 -23.37
N PHE A 144 31.11 -14.41 -22.93
CA PHE A 144 32.29 -14.65 -23.74
C PHE A 144 32.19 -15.93 -24.57
N ASP A 145 32.98 -15.98 -25.64
CA ASP A 145 32.96 -17.14 -26.54
C ASP A 145 33.73 -18.31 -25.94
N ALA A 146 33.18 -18.89 -24.88
CA ALA A 146 33.75 -20.10 -24.29
C ALA A 146 32.62 -21.08 -23.97
N GLY A 147 32.34 -21.96 -24.92
CA GLY A 147 31.17 -22.82 -24.78
C GLY A 147 29.94 -21.98 -24.55
N TRP A 148 29.84 -20.87 -25.26
CA TRP A 148 28.84 -19.84 -24.98
C TRP A 148 27.42 -20.38 -24.78
N CYS A 149 26.87 -20.08 -23.61
CA CYS A 149 25.49 -20.41 -23.22
C CYS A 149 25.12 -21.90 -23.23
N THR A 150 26.12 -22.77 -23.12
CA THR A 150 25.87 -24.21 -23.16
C THR A 150 25.51 -24.78 -21.79
N THR A 151 25.95 -24.11 -20.72
CA THR A 151 25.67 -24.60 -19.38
C THR A 151 25.82 -23.50 -18.33
N GLY A 152 25.01 -23.58 -17.27
CA GLY A 152 25.12 -22.63 -16.18
C GLY A 152 24.69 -21.23 -16.58
N ALA A 153 23.96 -21.13 -17.68
CA ALA A 153 23.54 -19.83 -18.19
C ALA A 153 22.06 -19.84 -18.52
N SER A 154 21.48 -18.66 -18.71
CA SER A 154 20.10 -18.54 -19.12
C SER A 154 20.01 -17.83 -20.47
N THR A 155 19.02 -18.21 -21.29
CA THR A 155 18.74 -17.49 -22.52
C THR A 155 17.65 -16.44 -22.31
N ASP A 156 17.21 -16.30 -21.06
CA ASP A 156 16.12 -15.38 -20.73
C ASP A 156 16.68 -14.05 -20.21
N PRO A 157 16.35 -12.94 -20.89
CA PRO A 157 16.86 -11.62 -20.50
C PRO A 157 16.53 -11.21 -19.07
N CYS A 158 15.49 -11.81 -18.50
CA CYS A 158 15.05 -11.44 -17.15
C CYS A 158 15.83 -12.13 -16.05
N ASP A 159 16.70 -13.08 -16.42
CA ASP A 159 17.44 -13.84 -15.42
C ASP A 159 18.83 -13.25 -15.14
N GLU A 160 19.35 -13.53 -13.94
CA GLU A 160 20.63 -12.98 -13.50
C GLU A 160 21.84 -13.54 -14.26
N THR A 161 21.65 -14.68 -14.92
CA THR A 161 22.74 -15.27 -15.70
C THR A 161 22.49 -15.23 -17.21
N TYR A 162 21.69 -14.28 -17.66
CA TYR A 162 21.41 -14.13 -19.09
C TYR A 162 22.73 -14.03 -19.85
N CYS A 163 22.88 -14.86 -20.87
CA CYS A 163 24.14 -14.95 -21.59
C CYS A 163 24.19 -13.97 -22.75
N GLY A 164 23.11 -13.24 -22.97
CA GLY A 164 23.07 -12.26 -24.04
C GLY A 164 22.56 -12.79 -25.37
N SER A 165 22.49 -11.92 -26.37
CA SER A 165 22.05 -12.29 -27.71
C SER A 165 23.06 -13.17 -28.42
N ALA A 166 24.33 -13.01 -28.07
CA ALA A 166 25.41 -13.71 -28.72
C ALA A 166 26.67 -13.45 -27.92
N ALA A 167 27.69 -14.26 -28.11
CA ALA A 167 28.99 -13.99 -27.53
C ALA A 167 29.40 -12.55 -27.85
N GLU A 168 29.87 -11.84 -26.82
CA GLU A 168 30.34 -10.47 -26.97
C GLU A 168 29.26 -9.51 -27.49
N SER A 169 28.00 -9.81 -27.18
CA SER A 169 26.91 -8.90 -27.52
C SER A 169 27.00 -7.59 -26.74
N GLU A 170 27.62 -7.63 -25.56
CA GLU A 170 27.76 -6.44 -24.73
C GLU A 170 28.96 -5.62 -25.18
N LYS A 171 28.79 -4.31 -25.24
CA LYS A 171 29.88 -3.40 -25.61
C LYS A 171 31.08 -3.58 -24.69
N GLU A 172 30.83 -3.85 -23.42
CA GLU A 172 31.91 -3.95 -22.44
C GLU A 172 32.73 -5.21 -22.65
N THR A 173 32.05 -6.33 -22.88
CA THR A 173 32.75 -7.60 -23.06
C THR A 173 33.48 -7.60 -24.40
N LYS A 174 32.87 -6.98 -25.42
CA LYS A 174 33.52 -6.81 -26.71
C LYS A 174 34.79 -5.98 -26.58
N ALA A 175 34.71 -4.91 -25.77
CA ALA A 175 35.85 -4.03 -25.57
C ALA A 175 37.03 -4.77 -24.95
N LEU A 176 36.72 -5.61 -23.95
CA LEU A 176 37.76 -6.33 -23.24
C LEU A 176 38.37 -7.40 -24.15
N ALA A 177 37.52 -8.13 -24.85
CA ALA A 177 37.98 -9.18 -25.76
C ALA A 177 38.81 -8.59 -26.89
N ASP A 178 38.38 -7.45 -27.43
CA ASP A 178 39.11 -6.79 -28.50
C ASP A 178 40.51 -6.40 -28.05
N PHE A 179 40.61 -5.86 -26.83
CA PHE A 179 41.90 -5.44 -26.30
C PHE A 179 42.83 -6.62 -26.09
N ILE A 180 42.31 -7.69 -25.51
CA ILE A 180 43.13 -8.86 -25.25
C ILE A 180 43.55 -9.52 -26.57
N ARG A 181 42.64 -9.59 -27.53
CA ARG A 181 43.00 -10.09 -28.86
C ARG A 181 44.09 -9.24 -29.51
N ASN A 182 44.00 -7.92 -29.34
CA ASN A 182 44.96 -7.00 -29.97
C ASN A 182 46.35 -7.09 -29.34
N ASN A 183 46.42 -7.62 -28.13
CA ASN A 183 47.68 -7.64 -27.39
C ASN A 183 48.08 -9.04 -26.95
N LEU A 184 47.53 -10.04 -27.63
CA LEU A 184 47.73 -11.44 -27.25
C LEU A 184 49.19 -11.82 -27.08
N SER A 185 50.03 -11.35 -27.97
CA SER A 185 51.43 -11.79 -27.99
C SER A 185 52.15 -11.42 -26.68
N SER A 186 51.70 -10.36 -26.02
CA SER A 186 52.38 -9.86 -24.84
C SER A 186 51.75 -10.29 -23.52
N ILE A 187 50.48 -10.69 -23.57
CA ILE A 187 49.79 -11.05 -22.34
C ILE A 187 50.09 -12.50 -21.97
N LYS A 188 50.68 -12.68 -20.78
CA LYS A 188 51.15 -13.99 -20.35
C LYS A 188 50.24 -14.61 -19.28
N ALA A 189 49.43 -13.77 -18.64
CA ALA A 189 48.50 -14.27 -17.62
C ALA A 189 47.26 -13.38 -17.60
N TYR A 190 46.13 -13.98 -17.24
CA TYR A 190 44.86 -13.25 -17.13
C TYR A 190 44.30 -13.52 -15.75
N LEU A 191 43.90 -12.46 -15.06
CA LEU A 191 43.39 -12.57 -13.71
C LEU A 191 42.11 -11.74 -13.64
N THR A 192 41.03 -12.36 -13.16
CA THR A 192 39.77 -11.64 -13.05
C THR A 192 39.26 -11.74 -11.60
N ILE A 193 38.88 -10.59 -11.04
CA ILE A 193 38.60 -10.52 -9.60
C ILE A 193 37.10 -10.44 -9.32
N HIS A 194 36.62 -11.34 -8.47
CA HIS A 194 35.20 -11.36 -8.08
C HIS A 194 35.11 -11.51 -6.56
N SER A 195 33.88 -11.47 -6.04
CA SER A 195 33.60 -11.96 -4.69
C SER A 195 32.21 -12.58 -4.74
N TYR A 196 31.85 -13.37 -3.72
CA TYR A 196 32.71 -13.75 -2.61
C TYR A 196 32.85 -15.28 -2.64
N SER A 197 33.61 -15.84 -1.70
CA SER A 197 33.71 -17.29 -1.49
C SER A 197 35.10 -17.75 -1.07
N GLN A 198 36.10 -16.89 -1.24
CA GLN A 198 37.47 -17.23 -0.90
C GLN A 198 37.98 -18.43 -1.69
N MET A 199 38.09 -18.24 -3.00
CA MET A 199 38.59 -19.25 -3.92
C MET A 199 39.57 -18.68 -4.92
N ILE A 200 40.45 -19.54 -5.44
CA ILE A 200 41.14 -19.28 -6.70
C ILE A 200 40.74 -20.37 -7.69
N LEU A 201 40.13 -19.96 -8.80
CA LEU A 201 39.63 -20.90 -9.81
C LEU A 201 40.45 -20.83 -11.09
N TYR A 202 40.59 -21.96 -11.76
CA TYR A 202 41.17 -21.98 -13.11
C TYR A 202 40.30 -22.85 -14.02
N PRO A 203 40.54 -22.81 -15.34
CA PRO A 203 39.70 -23.52 -16.32
C PRO A 203 39.67 -25.03 -16.03
N TYR A 204 38.61 -25.71 -16.47
CA TYR A 204 37.51 -25.09 -17.19
C TYR A 204 36.25 -24.98 -16.33
N SER A 205 35.40 -24.01 -16.66
CA SER A 205 34.11 -23.87 -16.00
C SER A 205 32.95 -24.25 -16.92
N TYR A 206 33.17 -24.18 -18.23
CA TYR A 206 32.12 -24.52 -19.17
C TYR A 206 32.09 -26.01 -19.52
N ASP A 207 32.98 -26.78 -18.91
CA ASP A 207 33.07 -28.22 -19.18
C ASP A 207 33.88 -28.90 -18.08
N TYR A 208 33.60 -30.17 -17.83
CA TYR A 208 34.29 -30.89 -16.77
C TYR A 208 35.69 -31.36 -17.21
N LYS A 209 36.03 -31.09 -18.46
CA LYS A 209 37.36 -31.40 -18.97
C LYS A 209 38.42 -30.57 -18.26
N LEU A 210 39.63 -31.10 -18.17
CA LEU A 210 40.72 -30.44 -17.48
C LEU A 210 41.67 -29.78 -18.47
N PRO A 211 42.24 -28.62 -18.11
CA PRO A 211 43.20 -27.94 -18.97
C PRO A 211 44.47 -28.77 -19.16
N GLU A 212 45.12 -28.59 -20.31
CA GLU A 212 46.35 -29.32 -20.62
C GLU A 212 47.43 -29.17 -19.56
N ASN A 213 47.53 -27.99 -18.96
CA ASN A 213 48.52 -27.77 -17.91
C ASN A 213 47.90 -27.76 -16.51
N ASN A 214 46.86 -28.58 -16.35
CA ASN A 214 46.12 -28.68 -15.09
C ASN A 214 47.01 -28.87 -13.87
N ALA A 215 48.03 -29.73 -13.99
CA ALA A 215 48.89 -30.02 -12.84
C ALA A 215 49.64 -28.77 -12.40
N GLU A 216 50.12 -27.98 -13.36
CA GLU A 216 50.84 -26.76 -13.06
C GLU A 216 49.92 -25.71 -12.43
N LEU A 217 48.73 -25.55 -13.00
CA LEU A 217 47.77 -24.58 -12.50
C LEU A 217 47.34 -24.91 -11.08
N ASN A 218 47.13 -26.19 -10.81
CA ASN A 218 46.74 -26.62 -9.48
C ASN A 218 47.88 -26.35 -8.49
N ASN A 219 49.11 -26.59 -8.93
CA ASN A 219 50.27 -26.37 -8.06
C ASN A 219 50.46 -24.88 -7.82
N LEU A 220 50.18 -24.08 -8.84
CA LEU A 220 50.26 -22.63 -8.72
C LEU A 220 49.17 -22.11 -7.77
N ALA A 221 47.93 -22.55 -7.98
CA ALA A 221 46.83 -22.09 -7.15
C ALA A 221 47.06 -22.49 -5.70
N LYS A 222 47.59 -23.69 -5.48
CA LYS A 222 47.82 -24.18 -4.14
C LYS A 222 48.86 -23.33 -3.42
N ALA A 223 49.92 -22.97 -4.14
CA ALA A 223 50.99 -22.16 -3.58
C ALA A 223 50.49 -20.75 -3.28
N ALA A 224 49.69 -20.21 -4.20
CA ALA A 224 49.15 -18.86 -4.05
C ALA A 224 48.22 -18.75 -2.83
N VAL A 225 47.40 -19.76 -2.60
CA VAL A 225 46.48 -19.71 -1.46
C VAL A 225 47.21 -19.90 -0.15
N LYS A 226 48.29 -20.68 -0.17
CA LYS A 226 49.13 -20.84 1.01
C LYS A 226 49.77 -19.51 1.40
N GLU A 227 50.27 -18.79 0.39
CA GLU A 227 50.90 -17.50 0.62
C GLU A 227 49.89 -16.49 1.15
N LEU A 228 48.68 -16.51 0.60
CA LEU A 228 47.64 -15.59 1.03
C LEU A 228 47.32 -15.80 2.52
N ALA A 229 47.32 -17.05 2.95
CA ALA A 229 46.96 -17.39 4.33
C ALA A 229 48.03 -16.98 5.34
N THR A 230 49.25 -16.75 4.87
CA THR A 230 50.35 -16.41 5.76
C THR A 230 50.11 -15.10 6.50
N LEU A 231 49.32 -14.21 5.91
CA LEU A 231 49.19 -12.86 6.44
C LEU A 231 48.21 -12.77 7.62
N TYR A 232 47.00 -13.28 7.42
CA TYR A 232 45.96 -13.16 8.43
C TYR A 232 45.25 -14.48 8.70
N GLY A 233 45.66 -15.54 8.01
CA GLY A 233 45.09 -16.84 8.26
C GLY A 233 43.84 -17.14 7.45
N THR A 234 43.52 -16.26 6.51
CA THR A 234 42.34 -16.44 5.66
C THR A 234 42.49 -17.67 4.78
N LYS A 235 41.54 -18.59 4.87
CA LYS A 235 41.61 -19.83 4.10
C LYS A 235 40.83 -19.77 2.79
N TYR A 236 41.54 -20.00 1.69
CA TYR A 236 40.94 -20.14 0.37
C TYR A 236 40.91 -21.61 -0.02
N THR A 237 39.95 -21.98 -0.86
CA THR A 237 40.05 -23.23 -1.62
C THR A 237 40.30 -22.93 -3.08
N TYR A 238 40.64 -23.95 -3.85
CA TYR A 238 41.04 -23.75 -5.25
C TYR A 238 40.77 -24.98 -6.11
N GLY A 239 40.77 -24.77 -7.42
CA GLY A 239 40.56 -25.88 -8.35
C GLY A 239 39.90 -25.43 -9.63
N PRO A 240 39.58 -26.35 -10.54
CA PRO A 240 38.88 -26.01 -11.79
C PRO A 240 37.50 -25.43 -11.47
N GLY A 241 37.04 -24.51 -12.31
CA GLY A 241 35.78 -23.84 -12.03
C GLY A 241 34.61 -24.80 -11.89
N ALA A 242 34.50 -25.74 -12.82
CA ALA A 242 33.32 -26.60 -12.92
C ALA A 242 33.04 -27.39 -11.64
N THR A 243 34.09 -27.87 -10.99
CA THR A 243 33.93 -28.71 -9.80
C THR A 243 34.13 -27.93 -8.49
N THR A 244 34.85 -26.82 -8.56
CA THR A 244 35.16 -26.06 -7.34
C THR A 244 33.99 -25.18 -6.92
N ILE A 245 33.20 -24.76 -7.89
CA ILE A 245 32.00 -23.99 -7.59
C ILE A 245 30.78 -24.57 -8.31
N TYR A 246 30.72 -24.36 -9.62
CA TYR A 246 29.72 -25.01 -10.45
C TYR A 246 29.99 -24.69 -11.91
N PRO A 247 29.46 -25.50 -12.82
CA PRO A 247 29.64 -25.24 -14.25
C PRO A 247 29.01 -23.91 -14.65
N ALA A 248 29.75 -23.11 -15.42
CA ALA A 248 29.23 -21.84 -15.91
C ALA A 248 29.93 -21.49 -17.22
N ALA A 249 29.21 -21.57 -18.33
CA ALA A 249 29.81 -21.31 -19.63
C ALA A 249 29.91 -19.82 -19.92
N GLY A 250 30.82 -19.45 -20.81
CA GLY A 250 30.91 -18.07 -21.25
C GLY A 250 31.77 -17.17 -20.39
N GLY A 251 32.57 -17.76 -19.50
CA GLY A 251 33.40 -16.96 -18.61
C GLY A 251 34.66 -16.41 -19.27
N SER A 252 35.11 -15.25 -18.81
CA SER A 252 36.26 -14.58 -19.39
C SER A 252 37.55 -15.38 -19.19
N ASP A 253 37.67 -16.06 -18.06
CA ASP A 253 38.89 -16.79 -17.77
C ASP A 253 39.04 -18.00 -18.69
N ASP A 254 37.96 -18.74 -18.89
CA ASP A 254 37.97 -19.85 -19.85
C ASP A 254 38.29 -19.34 -21.25
N TRP A 255 37.72 -18.20 -21.62
CA TRP A 255 37.93 -17.64 -22.95
C TRP A 255 39.39 -17.19 -23.13
N ALA A 256 39.93 -16.54 -22.11
CA ALA A 256 41.32 -16.10 -22.16
C ALA A 256 42.26 -17.30 -22.30
N TYR A 257 41.97 -18.36 -21.58
CA TYR A 257 42.80 -19.56 -21.63
C TYR A 257 42.81 -20.16 -23.04
N ASP A 258 41.63 -20.28 -23.64
CA ASP A 258 41.51 -20.86 -24.96
C ASP A 258 42.10 -19.96 -26.05
N GLN A 259 42.43 -18.72 -25.67
CA GLN A 259 43.18 -17.84 -26.57
C GLN A 259 44.67 -18.14 -26.53
N GLY A 260 45.09 -18.97 -25.57
CA GLY A 260 46.49 -19.33 -25.46
C GLY A 260 47.19 -18.69 -24.28
N ILE A 261 46.44 -18.02 -23.43
CA ILE A 261 46.99 -17.44 -22.22
C ILE A 261 46.98 -18.51 -21.12
N LYS A 262 48.14 -19.10 -20.88
CA LYS A 262 48.22 -20.37 -20.16
C LYS A 262 47.97 -20.25 -18.67
N TYR A 263 48.14 -19.04 -18.13
CA TYR A 263 47.87 -18.80 -16.73
C TYR A 263 46.65 -17.91 -16.61
N SER A 264 45.51 -18.52 -16.29
CA SER A 264 44.24 -17.81 -16.24
C SER A 264 43.50 -18.20 -14.97
N PHE A 265 43.12 -17.19 -14.19
CA PHE A 265 42.57 -17.44 -12.87
C PHE A 265 41.42 -16.49 -12.55
N THR A 266 40.41 -17.02 -11.87
CA THR A 266 39.38 -16.20 -11.24
C THR A 266 39.60 -16.20 -9.74
N PHE A 267 39.67 -15.01 -9.16
CA PHE A 267 39.73 -14.88 -7.71
C PHE A 267 38.34 -14.58 -7.16
N GLU A 268 37.95 -15.30 -6.12
CA GLU A 268 36.77 -14.94 -5.35
C GLU A 268 37.23 -14.50 -3.97
N LEU A 269 37.13 -13.21 -3.68
CA LEU A 269 37.68 -12.67 -2.43
C LEU A 269 36.72 -12.91 -1.25
N ARG A 270 37.04 -12.34 -0.09
CA ARG A 270 36.21 -12.51 1.10
C ARG A 270 34.77 -12.07 0.82
N ASP A 271 33.82 -12.56 1.61
CA ASP A 271 34.09 -13.59 2.60
C ASP A 271 33.47 -14.92 2.19
N LYS A 272 32.91 -15.65 3.16
CA LYS A 272 32.32 -16.96 2.89
C LYS A 272 30.81 -16.92 3.08
N GLY A 273 30.27 -15.72 3.27
CA GLY A 273 28.84 -15.55 3.23
C GLY A 273 28.23 -14.89 4.45
N ARG A 274 29.05 -14.59 5.46
CA ARG A 274 28.55 -13.87 6.62
C ARG A 274 28.01 -12.51 6.19
N TYR A 275 28.80 -11.81 5.38
CA TYR A 275 28.41 -10.51 4.85
C TYR A 275 28.15 -10.61 3.36
N GLY A 276 28.79 -11.57 2.71
CA GLY A 276 28.57 -11.77 1.29
C GLY A 276 29.10 -10.63 0.46
N PHE A 277 28.26 -10.11 -0.43
CA PHE A 277 28.62 -9.00 -1.29
C PHE A 277 28.76 -7.72 -0.50
N ILE A 278 28.12 -7.67 0.67
CA ILE A 278 28.08 -6.46 1.46
C ILE A 278 29.20 -6.48 2.49
N LEU A 279 30.41 -6.73 2.03
CA LEU A 279 31.58 -6.79 2.92
C LEU A 279 31.82 -5.41 3.51
N PRO A 280 31.95 -5.32 4.85
CA PRO A 280 32.19 -4.02 5.48
C PRO A 280 33.50 -3.39 5.04
N GLU A 281 33.52 -2.06 5.00
CA GLU A 281 34.71 -1.35 4.58
C GLU A 281 35.87 -1.64 5.53
N SER A 282 35.55 -2.08 6.74
CA SER A 282 36.55 -2.37 7.74
C SER A 282 37.40 -3.60 7.40
N GLN A 283 37.02 -4.31 6.34
CA GLN A 283 37.79 -5.46 5.89
C GLN A 283 38.48 -5.23 4.54
N ILE A 284 38.26 -4.06 3.95
CA ILE A 284 38.92 -3.74 2.68
C ILE A 284 40.44 -3.89 2.76
N GLN A 285 41.04 -3.28 3.78
CA GLN A 285 42.49 -3.31 3.95
C GLN A 285 43.04 -4.74 4.03
N ALA A 286 42.50 -5.53 4.95
CA ALA A 286 43.00 -6.89 5.17
C ALA A 286 42.77 -7.77 3.93
N THR A 287 41.58 -7.68 3.35
CA THR A 287 41.28 -8.44 2.15
C THR A 287 42.27 -8.14 1.03
N CYS A 288 42.51 -6.85 0.78
CA CYS A 288 43.36 -6.45 -0.33
C CYS A 288 44.82 -6.82 -0.05
N GLU A 289 45.21 -6.73 1.21
CA GLU A 289 46.59 -7.00 1.60
C GLU A 289 46.95 -8.46 1.35
N GLU A 290 46.10 -9.38 1.79
CA GLU A 290 46.38 -10.80 1.62
C GLU A 290 46.27 -11.18 0.14
N THR A 291 45.33 -10.55 -0.57
CA THR A 291 45.17 -10.83 -2.00
C THR A 291 46.39 -10.37 -2.80
N MET A 292 46.99 -9.25 -2.39
CA MET A 292 48.22 -8.78 -3.03
C MET A 292 49.30 -9.86 -2.98
N LEU A 293 49.35 -10.59 -1.87
CA LEU A 293 50.38 -11.61 -1.70
C LEU A 293 50.23 -12.70 -2.76
N ALA A 294 48.99 -13.09 -3.03
CA ALA A 294 48.72 -14.16 -3.97
C ALA A 294 48.96 -13.67 -5.41
N ILE A 295 48.61 -12.42 -5.68
CA ILE A 295 48.83 -11.88 -7.02
C ILE A 295 50.32 -11.77 -7.32
N LYS A 296 51.08 -11.28 -6.34
CA LYS A 296 52.52 -11.12 -6.51
C LYS A 296 53.20 -12.48 -6.62
N TYR A 297 52.70 -13.47 -5.89
CA TYR A 297 53.24 -14.83 -6.00
C TYR A 297 53.05 -15.36 -7.42
N VAL A 298 51.83 -15.21 -7.95
CA VAL A 298 51.55 -15.64 -9.31
C VAL A 298 52.44 -14.89 -10.29
N THR A 299 52.61 -13.60 -10.05
CA THR A 299 53.45 -12.76 -10.90
C THR A 299 54.90 -13.24 -10.88
N ASN A 300 55.39 -13.53 -9.69
CA ASN A 300 56.76 -14.00 -9.55
C ASN A 300 56.93 -15.27 -10.37
N TYR A 301 55.95 -16.15 -10.26
CA TYR A 301 55.99 -17.42 -10.98
C TYR A 301 55.98 -17.22 -12.49
N VAL A 302 55.02 -16.44 -12.97
CA VAL A 302 54.86 -16.23 -14.41
C VAL A 302 56.12 -15.64 -15.04
N LEU A 303 56.76 -14.72 -14.32
CA LEU A 303 57.99 -14.10 -14.81
C LEU A 303 59.11 -15.13 -14.96
N GLY A 304 59.14 -16.10 -14.05
CA GLY A 304 60.21 -17.09 -14.08
C GLY A 304 59.98 -18.14 -15.16
N HIS A 305 58.75 -18.17 -15.69
CA HIS A 305 58.39 -19.17 -16.69
C HIS A 305 57.91 -18.50 -17.98
N LEU A 306 58.62 -17.46 -18.40
CA LEU A 306 58.27 -16.73 -19.62
C LEU A 306 58.59 -17.57 -20.87
N GLY B 3 14.89 -22.57 -1.29
CA GLY B 3 13.93 -23.27 -2.12
C GLY B 3 12.50 -22.82 -1.87
N HIS B 4 11.63 -23.07 -2.84
CA HIS B 4 10.24 -22.61 -2.82
C HIS B 4 9.34 -23.64 -2.13
N SER B 5 8.41 -23.15 -1.32
CA SER B 5 7.32 -23.98 -0.80
C SER B 5 5.98 -23.25 -0.95
N TYR B 6 4.92 -24.01 -1.26
CA TYR B 6 3.60 -23.40 -1.41
C TYR B 6 2.90 -23.24 -0.07
N GLU B 7 3.47 -23.85 0.97
CA GLU B 7 2.92 -23.68 2.31
C GLU B 7 3.89 -22.94 3.23
N LYS B 8 4.80 -22.17 2.64
CA LYS B 8 5.59 -21.20 3.37
C LYS B 8 5.56 -19.86 2.63
N TYR B 9 5.75 -18.76 3.35
CA TYR B 9 5.91 -17.47 2.68
C TYR B 9 7.33 -17.40 2.12
N ASN B 10 7.42 -17.09 0.83
CA ASN B 10 8.70 -17.10 0.12
C ASN B 10 9.20 -15.69 -0.11
N ASN B 11 10.51 -15.45 0.01
CA ASN B 11 11.02 -14.11 -0.26
C ASN B 11 11.03 -13.87 -1.77
N TRP B 12 11.25 -12.63 -2.18
CA TRP B 12 11.16 -12.29 -3.61
C TRP B 12 12.14 -13.09 -4.47
N GLU B 13 13.37 -13.25 -4.00
CA GLU B 13 14.35 -14.01 -4.77
C GLU B 13 13.79 -15.40 -5.08
N THR B 14 13.17 -16.02 -4.08
CA THR B 14 12.59 -17.36 -4.25
C THR B 14 11.37 -17.32 -5.17
N ILE B 15 10.50 -16.33 -4.97
CA ILE B 15 9.32 -16.19 -5.85
C ILE B 15 9.74 -15.96 -7.29
N GLU B 16 10.74 -15.10 -7.49
CA GLU B 16 11.25 -14.85 -8.83
C GLU B 16 11.76 -16.14 -9.49
N ALA B 17 12.55 -16.91 -8.76
CA ALA B 17 13.06 -18.18 -9.28
C ALA B 17 11.92 -19.14 -9.57
N TRP B 18 10.87 -19.09 -8.75
CA TRP B 18 9.68 -19.90 -8.97
C TRP B 18 8.97 -19.53 -10.28
N THR B 19 8.90 -18.24 -10.61
CA THR B 19 8.22 -17.86 -11.84
C THR B 19 8.93 -18.43 -13.05
N LYS B 20 10.26 -18.50 -12.98
CA LYS B 20 11.03 -19.08 -14.07
C LYS B 20 10.79 -20.59 -14.12
N GLN B 21 10.91 -21.23 -12.97
CA GLN B 21 10.79 -22.67 -12.89
C GLN B 21 9.42 -23.17 -13.35
N VAL B 22 8.36 -22.59 -12.80
CA VAL B 22 7.02 -23.09 -13.12
C VAL B 22 6.70 -22.85 -14.61
N THR B 23 7.29 -21.80 -15.17
CA THR B 23 7.09 -21.52 -16.59
C THR B 23 7.88 -22.49 -17.46
N SER B 24 9.13 -22.74 -17.08
CA SER B 24 9.99 -23.67 -17.81
C SER B 24 9.44 -25.09 -17.81
N GLU B 25 8.78 -25.48 -16.72
CA GLU B 25 8.22 -26.82 -16.61
C GLU B 25 6.90 -26.98 -17.33
N ASN B 26 6.23 -25.85 -17.63
CA ASN B 26 4.88 -25.90 -18.16
C ASN B 26 4.67 -24.94 -19.32
N PRO B 27 5.51 -25.01 -20.35
CA PRO B 27 5.46 -24.04 -21.45
C PRO B 27 4.15 -24.11 -22.22
N ASP B 28 3.49 -25.26 -22.14
CA ASP B 28 2.23 -25.48 -22.85
C ASP B 28 1.05 -24.85 -22.12
N LEU B 29 1.28 -24.34 -20.91
CA LEU B 29 0.21 -23.72 -20.14
C LEU B 29 0.56 -22.35 -19.56
N ILE B 30 1.86 -22.06 -19.44
CA ILE B 30 2.31 -20.81 -18.82
C ILE B 30 3.33 -20.10 -19.70
N SER B 31 3.11 -18.81 -19.93
CA SER B 31 4.14 -17.96 -20.52
C SER B 31 4.42 -16.77 -19.62
N ARG B 32 5.69 -16.43 -19.46
CA ARG B 32 6.08 -15.37 -18.54
C ARG B 32 6.62 -14.15 -19.29
N THR B 33 6.12 -12.97 -18.91
CA THR B 33 6.66 -11.71 -19.39
C THR B 33 6.86 -10.78 -18.21
N ALA B 34 7.65 -9.73 -18.40
CA ALA B 34 7.71 -8.63 -17.44
C ALA B 34 6.98 -7.46 -18.07
N ILE B 35 6.13 -6.79 -17.30
CA ILE B 35 5.36 -5.67 -17.83
C ILE B 35 5.97 -4.33 -17.43
N GLY B 36 7.09 -4.37 -16.71
CA GLY B 36 7.77 -3.15 -16.33
C GLY B 36 8.79 -3.41 -15.24
N THR B 37 9.36 -2.35 -14.70
CA THR B 37 10.28 -2.47 -13.58
C THR B 37 9.81 -1.63 -12.40
N THR B 38 10.18 -2.03 -11.19
CA THR B 38 9.82 -1.28 -10.00
C THR B 38 10.76 -0.09 -9.81
N PHE B 39 10.50 0.67 -8.75
CA PHE B 39 11.31 1.84 -8.44
C PHE B 39 12.77 1.43 -8.20
N LEU B 40 12.98 0.25 -7.63
CA LEU B 40 14.33 -0.24 -7.34
C LEU B 40 14.87 -1.18 -8.42
N GLY B 41 14.18 -1.25 -9.57
CA GLY B 41 14.70 -1.99 -10.69
C GLY B 41 14.40 -3.49 -10.73
N ASN B 42 13.45 -3.93 -9.90
CA ASN B 42 13.03 -5.33 -9.93
C ASN B 42 12.03 -5.59 -11.06
N ASN B 43 12.02 -6.81 -11.57
CA ASN B 43 11.16 -7.15 -12.71
C ASN B 43 9.74 -7.48 -12.25
N ILE B 44 8.76 -6.77 -12.80
CA ILE B 44 7.36 -7.06 -12.49
C ILE B 44 6.84 -8.15 -13.42
N TYR B 45 6.82 -9.39 -12.93
CA TYR B 45 6.43 -10.51 -13.76
C TYR B 45 4.92 -10.68 -13.87
N LEU B 46 4.49 -11.10 -15.05
CA LEU B 46 3.10 -11.46 -15.27
C LEU B 46 3.10 -12.86 -15.88
N LEU B 47 2.28 -13.74 -15.32
CA LEU B 47 2.14 -15.07 -15.88
C LEU B 47 0.82 -15.20 -16.62
N LYS B 48 0.91 -15.65 -17.87
CA LYS B 48 -0.28 -15.92 -18.66
C LYS B 48 -0.56 -17.42 -18.60
N VAL B 49 -1.61 -17.78 -17.89
CA VAL B 49 -1.93 -19.18 -17.63
C VAL B 49 -3.13 -19.63 -18.47
N GLY B 50 -2.93 -20.66 -19.27
CA GLY B 50 -3.99 -21.12 -20.15
C GLY B 50 -3.48 -21.77 -21.42
N LYS B 51 -4.38 -22.46 -22.12
CA LYS B 51 -4.02 -23.14 -23.36
C LYS B 51 -3.95 -22.10 -24.47
N PRO B 52 -2.75 -21.90 -25.04
CA PRO B 52 -2.65 -20.84 -26.07
C PRO B 52 -3.64 -21.05 -27.20
N GLY B 53 -4.25 -19.95 -27.65
CA GLY B 53 -5.23 -20.01 -28.71
C GLY B 53 -5.53 -18.62 -29.21
N PRO B 54 -6.23 -18.49 -30.36
CA PRO B 54 -6.58 -17.20 -30.95
C PRO B 54 -7.80 -16.56 -30.26
N ASN B 55 -7.74 -15.23 -30.11
CA ASN B 55 -8.92 -14.46 -29.71
C ASN B 55 -9.56 -14.89 -28.39
N LYS B 56 -8.73 -15.32 -27.44
CA LYS B 56 -9.24 -15.76 -26.15
C LYS B 56 -9.56 -14.58 -25.24
N PRO B 57 -10.70 -14.64 -24.53
CA PRO B 57 -10.99 -13.68 -23.46
C PRO B 57 -10.04 -13.96 -22.31
N ALA B 58 -9.98 -13.05 -21.34
CA ALA B 58 -9.04 -13.20 -20.24
C ALA B 58 -9.61 -12.68 -18.93
N ILE B 59 -9.10 -13.24 -17.83
CA ILE B 59 -9.34 -12.70 -16.52
C ILE B 59 -7.99 -12.28 -15.95
N PHE B 60 -7.94 -11.11 -15.35
CA PHE B 60 -6.70 -10.60 -14.77
C PHE B 60 -6.79 -10.73 -13.25
N MET B 61 -5.75 -11.31 -12.65
CA MET B 61 -5.68 -11.35 -11.18
C MET B 61 -4.30 -10.92 -10.71
N ASP B 62 -4.25 -10.05 -9.71
CA ASP B 62 -2.98 -9.69 -9.10
C ASP B 62 -2.96 -9.90 -7.59
N CYS B 63 -1.76 -10.10 -7.06
CA CYS B 63 -1.56 -10.20 -5.61
C CYS B 63 -0.44 -9.25 -5.20
N GLY B 64 -0.31 -9.02 -3.90
CA GLY B 64 0.85 -8.31 -3.39
C GLY B 64 0.92 -6.82 -3.66
N PHE B 65 -0.23 -6.16 -3.77
CA PHE B 65 -0.29 -4.70 -3.75
C PHE B 65 0.33 -4.17 -2.47
N HIS B 66 -0.09 -4.73 -1.34
CA HIS B 66 0.33 -4.24 -0.05
C HIS B 66 1.34 -5.20 0.58
N ALA B 67 2.48 -4.65 0.98
CA ALA B 67 3.66 -5.46 1.25
C ALA B 67 3.49 -6.45 2.41
N ARG B 68 2.79 -6.02 3.45
CA ARG B 68 2.67 -6.83 4.66
C ARG B 68 1.63 -7.94 4.56
N GLU B 69 0.85 -7.92 3.50
CA GLU B 69 -0.25 -8.87 3.33
C GLU B 69 0.22 -10.18 2.67
N TRP B 70 1.08 -10.92 3.38
CA TRP B 70 1.83 -12.02 2.79
C TRP B 70 0.97 -13.17 2.26
N ILE B 71 -0.22 -13.36 2.80
CA ILE B 71 -1.10 -14.43 2.34
C ILE B 71 -1.60 -14.15 0.92
N SER B 72 -1.59 -12.88 0.53
CA SER B 72 -1.94 -12.48 -0.83
C SER B 72 -0.97 -13.08 -1.84
N HIS B 73 0.32 -12.83 -1.62
CA HIS B 73 1.39 -13.35 -2.45
C HIS B 73 1.30 -14.87 -2.55
N ALA B 74 1.05 -15.50 -1.41
CA ALA B 74 0.99 -16.96 -1.36
C ALA B 74 -0.14 -17.49 -2.23
N PHE B 75 -1.27 -16.79 -2.25
CA PHE B 75 -2.41 -17.30 -3.02
C PHE B 75 -2.18 -17.31 -4.52
N CYS B 76 -1.53 -16.28 -5.05
CA CYS B 76 -1.28 -16.27 -6.49
C CYS B 76 -0.44 -17.47 -6.89
N GLN B 77 0.54 -17.83 -6.06
CA GLN B 77 1.37 -18.98 -6.35
C GLN B 77 0.54 -20.27 -6.27
N TRP B 78 -0.27 -20.40 -5.24
CA TRP B 78 -1.17 -21.54 -5.09
C TRP B 78 -2.06 -21.74 -6.31
N PHE B 79 -2.64 -20.66 -6.80
CA PHE B 79 -3.55 -20.70 -7.95
C PHE B 79 -2.84 -21.31 -9.16
N VAL B 80 -1.64 -20.81 -9.45
CA VAL B 80 -0.92 -21.26 -10.63
C VAL B 80 -0.67 -22.76 -10.59
N ARG B 81 -0.25 -23.29 -9.44
CA ARG B 81 0.00 -24.72 -9.35
C ARG B 81 -1.29 -25.51 -9.60
N GLU B 82 -2.37 -25.11 -8.94
CA GLU B 82 -3.63 -25.83 -9.10
C GLU B 82 -4.05 -25.86 -10.55
N ALA B 83 -3.87 -24.74 -11.24
CA ALA B 83 -4.26 -24.63 -12.65
C ALA B 83 -3.49 -25.61 -13.53
N VAL B 84 -2.16 -25.61 -13.42
CA VAL B 84 -1.34 -26.44 -14.28
C VAL B 84 -1.40 -27.94 -13.94
N LEU B 85 -1.66 -28.26 -12.68
CA LEU B 85 -1.70 -29.66 -12.25
C LEU B 85 -3.03 -30.33 -12.55
N THR B 86 -4.13 -29.58 -12.46
CA THR B 86 -5.45 -30.19 -12.67
C THR B 86 -5.95 -30.05 -14.11
N TYR B 87 -5.23 -29.28 -14.92
CA TYR B 87 -5.62 -29.12 -16.32
C TYR B 87 -5.65 -30.47 -17.02
N GLY B 88 -6.79 -30.79 -17.62
CA GLY B 88 -6.93 -32.06 -18.31
C GLY B 88 -7.57 -33.15 -17.47
N TYR B 89 -7.77 -32.87 -16.18
CA TYR B 89 -8.33 -33.87 -15.28
C TYR B 89 -9.56 -33.36 -14.53
N GLU B 90 -9.53 -32.09 -14.15
CA GLU B 90 -10.70 -31.45 -13.59
C GLU B 90 -11.43 -30.70 -14.71
N SER B 91 -12.68 -31.07 -14.97
CA SER B 91 -13.37 -30.61 -16.17
C SER B 91 -13.55 -29.10 -16.20
N HIS B 92 -13.87 -28.49 -15.06
CA HIS B 92 -14.08 -27.05 -15.01
C HIS B 92 -12.79 -26.29 -15.32
N MET B 93 -11.72 -26.60 -14.60
CA MET B 93 -10.44 -25.94 -14.83
C MET B 93 -9.93 -26.21 -16.24
N THR B 94 -10.26 -27.37 -16.78
CA THR B 94 -9.85 -27.69 -18.15
C THR B 94 -10.60 -26.79 -19.12
N GLU B 95 -11.91 -26.66 -18.92
CA GLU B 95 -12.71 -25.75 -19.73
C GLU B 95 -12.18 -24.33 -19.61
N PHE B 96 -11.90 -23.89 -18.39
CA PHE B 96 -11.41 -22.54 -18.15
C PHE B 96 -10.18 -22.27 -19.02
N LEU B 97 -9.18 -23.12 -18.92
CA LEU B 97 -7.90 -22.85 -19.56
C LEU B 97 -7.96 -23.05 -21.06
N ASN B 98 -8.94 -23.82 -21.52
CA ASN B 98 -9.17 -23.94 -22.96
C ASN B 98 -9.83 -22.68 -23.53
N LYS B 99 -10.80 -22.15 -22.80
CA LYS B 99 -11.62 -21.05 -23.31
C LYS B 99 -11.08 -19.66 -22.99
N LEU B 100 -10.38 -19.52 -21.87
CA LEU B 100 -9.81 -18.22 -21.52
C LEU B 100 -8.37 -18.29 -21.03
N ASP B 101 -7.75 -17.13 -20.88
CA ASP B 101 -6.45 -17.03 -20.25
C ASP B 101 -6.57 -16.36 -18.89
N PHE B 102 -5.79 -16.83 -17.92
CA PHE B 102 -5.64 -16.12 -16.67
C PHE B 102 -4.31 -15.36 -16.72
N TYR B 103 -4.37 -14.04 -16.61
CA TYR B 103 -3.18 -13.26 -16.37
C TYR B 103 -2.97 -13.18 -14.87
N VAL B 104 -1.86 -13.74 -14.38
CA VAL B 104 -1.60 -13.72 -12.96
C VAL B 104 -0.35 -12.90 -12.66
N LEU B 105 -0.53 -11.86 -11.86
CA LEU B 105 0.57 -10.99 -11.46
C LEU B 105 0.91 -11.29 -10.01
N PRO B 106 1.93 -12.13 -9.78
CA PRO B 106 2.20 -12.73 -8.46
C PRO B 106 2.49 -11.71 -7.36
N VAL B 107 3.28 -10.69 -7.69
CA VAL B 107 3.62 -9.62 -6.74
C VAL B 107 3.75 -8.28 -7.47
N LEU B 108 2.85 -7.35 -7.17
CA LEU B 108 2.92 -6.01 -7.74
C LEU B 108 4.00 -5.19 -7.03
N ASN B 109 3.82 -5.00 -5.72
CA ASN B 109 4.70 -4.12 -4.95
C ASN B 109 5.91 -4.89 -4.43
N ILE B 110 6.85 -5.17 -5.33
CA ILE B 110 8.00 -6.02 -5.03
C ILE B 110 8.96 -5.34 -4.07
N ASP B 111 9.23 -4.05 -4.28
CA ASP B 111 10.17 -3.34 -3.43
C ASP B 111 9.68 -3.34 -1.99
N GLY B 112 8.38 -3.10 -1.81
CA GLY B 112 7.79 -3.12 -0.49
C GLY B 112 7.87 -4.48 0.17
N TYR B 113 7.60 -5.53 -0.61
CA TYR B 113 7.63 -6.89 -0.08
C TYR B 113 9.03 -7.22 0.46
N ILE B 114 10.05 -6.88 -0.31
CA ILE B 114 11.43 -7.09 0.11
C ILE B 114 11.69 -6.38 1.44
N TYR B 115 11.13 -5.18 1.60
CA TYR B 115 11.34 -4.38 2.79
C TYR B 115 10.70 -5.04 4.03
N THR B 116 9.57 -5.71 3.84
CA THR B 116 8.94 -6.41 4.96
C THR B 116 9.74 -7.63 5.41
N TRP B 117 10.57 -8.16 4.51
CA TRP B 117 11.46 -9.27 4.82
C TRP B 117 12.77 -8.83 5.46
N THR B 118 13.19 -7.60 5.18
CA THR B 118 14.53 -7.14 5.56
C THR B 118 14.54 -6.15 6.72
N LYS B 119 13.49 -5.34 6.84
CA LYS B 119 13.52 -4.20 7.75
C LYS B 119 12.30 -4.07 8.65
N ASN B 120 11.12 -4.14 8.07
CA ASN B 120 9.90 -3.76 8.77
C ASN B 120 8.73 -4.61 8.26
N ARG B 121 8.39 -5.64 9.02
CA ARG B 121 7.36 -6.60 8.66
C ARG B 121 6.00 -5.96 8.41
N MET B 122 5.79 -4.77 8.95
CA MET B 122 4.49 -4.11 8.83
C MET B 122 4.44 -3.00 7.78
N TRP B 123 5.43 -2.96 6.89
CA TRP B 123 5.43 -1.96 5.84
C TRP B 123 4.28 -2.24 4.87
N ARG B 124 3.70 -1.18 4.32
CA ARG B 124 2.51 -1.30 3.48
C ARG B 124 2.77 -0.79 2.06
N LYS B 125 3.37 0.39 1.96
CA LYS B 125 3.44 1.11 0.69
C LYS B 125 4.59 0.65 -0.21
N THR B 126 4.81 1.39 -1.30
CA THR B 126 5.96 1.16 -2.16
C THR B 126 7.20 1.73 -1.47
N ARG B 127 8.34 1.74 -2.16
CA ARG B 127 9.56 2.24 -1.55
C ARG B 127 10.18 3.39 -2.36
N SER B 128 9.37 4.06 -3.18
CA SER B 128 9.85 5.20 -3.94
C SER B 128 10.04 6.43 -3.04
N THR B 129 10.95 7.32 -3.44
CA THR B 129 11.22 8.52 -2.68
C THR B 129 10.18 9.60 -2.97
N ASN B 130 10.05 10.54 -2.03
CA ASN B 130 9.11 11.65 -2.17
C ASN B 130 9.81 12.98 -2.04
N ALA B 131 9.51 13.90 -2.96
CA ALA B 131 10.14 15.21 -2.97
C ALA B 131 9.85 15.96 -1.67
N GLY B 132 10.89 16.58 -1.11
CA GLY B 132 10.70 17.48 0.02
C GLY B 132 10.54 16.79 1.35
N THR B 133 10.74 15.48 1.40
CA THR B 133 10.57 14.73 2.65
C THR B 133 11.45 13.48 2.67
N THR B 134 11.69 12.97 3.88
CA THR B 134 12.39 11.71 4.01
C THR B 134 11.42 10.54 4.07
N CYS B 135 10.12 10.83 4.19
CA CYS B 135 9.13 9.77 4.20
C CYS B 135 9.10 9.05 2.85
N ILE B 136 8.95 7.73 2.91
CA ILE B 136 9.08 6.88 1.72
C ILE B 136 7.73 6.26 1.34
N GLY B 137 7.47 6.20 0.04
CA GLY B 137 6.44 5.30 -0.46
C GLY B 137 5.07 5.90 -0.72
N THR B 138 4.36 5.27 -1.64
CA THR B 138 2.98 5.62 -1.98
C THR B 138 2.13 4.36 -1.78
N ASP B 139 0.87 4.55 -1.40
CA ASP B 139 -0.07 3.44 -1.32
C ASP B 139 -0.53 3.09 -2.73
N PRO B 140 -0.13 1.91 -3.23
CA PRO B 140 -0.52 1.56 -4.60
C PRO B 140 -2.02 1.54 -4.81
N ASN B 141 -2.77 1.17 -3.77
CA ASN B 141 -4.22 1.09 -3.92
C ASN B 141 -4.92 2.43 -3.66
N ARG B 142 -4.15 3.51 -3.64
CA ARG B 142 -4.70 4.87 -3.73
C ARG B 142 -4.13 5.60 -4.95
N ASN B 143 -3.40 4.88 -5.80
CA ASN B 143 -2.61 5.52 -6.85
C ASN B 143 -3.22 5.35 -8.26
N PHE B 144 -4.42 4.77 -8.34
CA PHE B 144 -5.07 4.60 -9.64
C PHE B 144 -6.05 5.72 -9.96
N ASP B 145 -6.35 5.88 -11.25
CA ASP B 145 -7.18 6.97 -11.75
C ASP B 145 -8.68 6.68 -11.53
N ALA B 146 -9.05 6.50 -10.26
CA ALA B 146 -10.45 6.24 -9.90
C ALA B 146 -10.86 7.21 -8.79
N GLY B 147 -11.57 8.27 -9.15
CA GLY B 147 -11.81 9.36 -8.22
C GLY B 147 -10.56 9.74 -7.45
N TRP B 148 -9.43 9.81 -8.13
CA TRP B 148 -8.12 9.79 -7.47
C TRP B 148 -7.95 10.85 -6.38
N CYS B 149 -7.55 10.38 -5.20
CA CYS B 149 -7.23 11.22 -4.04
C CYS B 149 -8.34 12.14 -3.58
N THR B 150 -9.61 11.76 -3.83
CA THR B 150 -10.73 12.62 -3.46
C THR B 150 -11.31 12.27 -2.10
N THR B 151 -11.08 11.04 -1.65
CA THR B 151 -11.58 10.61 -0.35
C THR B 151 -10.87 9.33 0.11
N GLY B 152 -10.77 9.17 1.42
CA GLY B 152 -10.15 7.97 1.97
C GLY B 152 -8.67 7.86 1.63
N ALA B 153 -8.06 8.99 1.25
CA ALA B 153 -6.67 9.01 0.86
C ALA B 153 -6.02 10.29 1.40
N SER B 154 -4.69 10.28 1.50
CA SER B 154 -3.97 11.40 2.06
C SER B 154 -3.00 12.04 1.07
N THR B 155 -2.87 13.36 1.15
CA THR B 155 -1.87 14.08 0.37
C THR B 155 -0.54 14.16 1.11
N ASP B 156 -0.48 13.60 2.31
CA ASP B 156 0.74 13.62 3.11
C ASP B 156 1.59 12.40 2.79
N PRO B 157 2.79 12.60 2.24
CA PRO B 157 3.67 11.50 1.85
C PRO B 157 3.99 10.54 2.99
N CYS B 158 3.80 10.99 4.22
CA CYS B 158 4.15 10.16 5.37
C CYS B 158 3.03 9.22 5.79
N ASP B 159 1.84 9.41 5.21
CA ASP B 159 0.67 8.61 5.57
C ASP B 159 0.66 7.24 4.89
N GLU B 160 0.04 6.26 5.55
CA GLU B 160 -0.08 4.92 4.99
C GLU B 160 -0.94 4.89 3.73
N THR B 161 -1.78 5.90 3.56
CA THR B 161 -2.65 5.98 2.40
C THR B 161 -2.27 7.14 1.48
N TYR B 162 -1.01 7.52 1.48
CA TYR B 162 -0.54 8.56 0.59
C TYR B 162 -0.88 8.20 -0.86
N CYS B 163 -1.54 9.12 -1.55
CA CYS B 163 -2.11 8.80 -2.86
C CYS B 163 -1.12 9.05 -4.01
N GLY B 164 0.05 9.58 -3.70
CA GLY B 164 1.03 9.87 -4.74
C GLY B 164 0.90 11.29 -5.26
N SER B 165 1.74 11.67 -6.22
CA SER B 165 1.74 13.04 -6.72
C SER B 165 0.70 13.24 -7.80
N ALA B 166 0.32 12.13 -8.43
CA ALA B 166 -0.72 12.10 -9.46
C ALA B 166 -1.09 10.64 -9.61
N ALA B 167 -2.26 10.36 -10.20
CA ALA B 167 -2.63 8.98 -10.49
C ALA B 167 -1.54 8.36 -11.37
N GLU B 168 -1.16 7.13 -11.05
CA GLU B 168 -0.15 6.39 -11.80
C GLU B 168 1.25 7.00 -11.73
N SER B 169 1.50 7.75 -10.65
CA SER B 169 2.83 8.32 -10.43
C SER B 169 3.86 7.23 -10.08
N GLU B 170 3.38 6.09 -9.59
CA GLU B 170 4.28 4.98 -9.26
C GLU B 170 4.57 4.15 -10.50
N LYS B 171 5.84 3.75 -10.69
CA LYS B 171 6.19 2.89 -11.83
C LYS B 171 5.35 1.61 -11.87
N GLU B 172 5.08 1.03 -10.71
CA GLU B 172 4.38 -0.24 -10.63
C GLU B 172 2.92 -0.13 -11.06
N THR B 173 2.24 0.91 -10.59
CA THR B 173 0.83 1.07 -10.94
C THR B 173 0.66 1.48 -12.39
N LYS B 174 1.58 2.31 -12.88
CA LYS B 174 1.58 2.68 -14.29
C LYS B 174 1.76 1.45 -15.17
N ALA B 175 2.64 0.54 -14.75
CA ALA B 175 2.88 -0.66 -15.54
C ALA B 175 1.63 -1.53 -15.58
N LEU B 176 0.92 -1.65 -14.47
CA LEU B 176 -0.28 -2.46 -14.43
C LEU B 176 -1.38 -1.78 -15.27
N ALA B 177 -1.58 -0.49 -15.08
CA ALA B 177 -2.61 0.23 -15.84
C ALA B 177 -2.31 0.18 -17.33
N ASP B 178 -1.03 0.26 -17.69
CA ASP B 178 -0.61 0.23 -19.09
C ASP B 178 -0.96 -1.12 -19.72
N PHE B 179 -0.69 -2.20 -18.99
CA PHE B 179 -0.96 -3.52 -19.53
C PHE B 179 -2.45 -3.73 -19.75
N ILE B 180 -3.27 -3.36 -18.76
CA ILE B 180 -4.70 -3.55 -18.90
C ILE B 180 -5.27 -2.71 -20.04
N ARG B 181 -4.84 -1.46 -20.16
CA ARG B 181 -5.28 -0.61 -21.25
C ARG B 181 -4.93 -1.24 -22.61
N ASN B 182 -3.76 -1.87 -22.68
CA ASN B 182 -3.29 -2.46 -23.92
C ASN B 182 -4.02 -3.76 -24.27
N ASN B 183 -4.71 -4.34 -23.29
CA ASN B 183 -5.40 -5.62 -23.50
C ASN B 183 -6.87 -5.54 -23.10
N LEU B 184 -7.40 -4.32 -23.09
CA LEU B 184 -8.71 -4.08 -22.53
C LEU B 184 -9.82 -4.88 -23.21
N SER B 185 -9.75 -5.00 -24.52
CA SER B 185 -10.80 -5.69 -25.26
C SER B 185 -10.89 -7.17 -24.89
N SER B 186 -9.79 -7.73 -24.38
CA SER B 186 -9.75 -9.14 -24.01
C SER B 186 -10.16 -9.41 -22.57
N ILE B 187 -9.91 -8.46 -21.68
CA ILE B 187 -10.08 -8.70 -20.24
C ILE B 187 -11.52 -8.53 -19.79
N LYS B 188 -12.09 -9.60 -19.24
CA LYS B 188 -13.52 -9.63 -18.92
C LYS B 188 -13.77 -9.52 -17.42
N ALA B 189 -12.74 -9.84 -16.63
CA ALA B 189 -12.86 -9.75 -15.18
C ALA B 189 -11.53 -9.34 -14.57
N TYR B 190 -11.61 -8.61 -13.46
CA TYR B 190 -10.42 -8.16 -12.74
C TYR B 190 -10.54 -8.60 -11.29
N LEU B 191 -9.51 -9.26 -10.77
CA LEU B 191 -9.52 -9.74 -9.40
C LEU B 191 -8.24 -9.29 -8.70
N THR B 192 -8.39 -8.72 -7.51
CA THR B 192 -7.20 -8.28 -6.79
C THR B 192 -7.24 -8.81 -5.36
N ILE B 193 -6.13 -9.37 -4.91
CA ILE B 193 -6.11 -10.16 -3.67
C ILE B 193 -5.40 -9.40 -2.55
N HIS B 194 -6.08 -9.25 -1.42
CA HIS B 194 -5.56 -8.56 -0.24
C HIS B 194 -5.85 -9.41 1.00
N SER B 195 -5.30 -9.00 2.15
CA SER B 195 -5.75 -9.48 3.47
C SER B 195 -5.70 -8.30 4.43
N TYR B 196 -6.39 -8.37 5.57
CA TYR B 196 -7.26 -9.47 5.96
C TYR B 196 -8.64 -8.86 6.20
N SER B 197 -9.64 -9.72 6.45
CA SER B 197 -10.98 -9.30 6.88
C SER B 197 -12.06 -10.28 6.41
N GLN B 198 -11.69 -11.19 5.50
CA GLN B 198 -12.62 -12.18 4.96
C GLN B 198 -13.84 -11.53 4.30
N MET B 199 -13.59 -10.84 3.19
CA MET B 199 -14.65 -10.14 2.47
C MET B 199 -14.48 -10.30 0.97
N ILE B 200 -15.58 -10.22 0.23
CA ILE B 200 -15.49 -9.94 -1.20
C ILE B 200 -16.10 -8.58 -1.50
N LEU B 201 -15.28 -7.68 -2.03
CA LEU B 201 -15.70 -6.32 -2.33
C LEU B 201 -15.79 -6.10 -3.84
N TYR B 202 -16.68 -5.19 -4.23
CA TYR B 202 -16.75 -4.74 -5.62
C TYR B 202 -17.05 -3.24 -5.60
N PRO B 203 -17.04 -2.59 -6.77
CA PRO B 203 -17.18 -1.13 -6.80
C PRO B 203 -18.49 -0.65 -6.18
N TYR B 204 -18.52 0.58 -5.68
CA TYR B 204 -17.38 1.49 -5.70
C TYR B 204 -16.79 1.72 -4.32
N SER B 205 -15.53 2.17 -4.29
CA SER B 205 -14.89 2.59 -3.07
C SER B 205 -14.53 4.08 -3.06
N TYR B 206 -14.51 4.73 -4.23
CA TYR B 206 -14.25 6.15 -4.22
C TYR B 206 -15.52 6.99 -4.12
N ASP B 207 -16.66 6.31 -4.07
CA ASP B 207 -17.96 6.98 -4.00
C ASP B 207 -18.96 5.98 -3.40
N TYR B 208 -20.03 6.49 -2.78
CA TYR B 208 -21.08 5.60 -2.30
C TYR B 208 -22.10 5.27 -3.38
N LYS B 209 -21.93 5.84 -4.57
CA LYS B 209 -22.78 5.49 -5.70
C LYS B 209 -22.64 4.00 -5.98
N LEU B 210 -23.70 3.38 -6.49
CA LEU B 210 -23.65 1.95 -6.80
C LEU B 210 -23.31 1.73 -8.27
N PRO B 211 -22.65 0.60 -8.57
CA PRO B 211 -22.37 0.22 -9.96
C PRO B 211 -23.67 -0.16 -10.66
N GLU B 212 -23.74 0.03 -11.98
CA GLU B 212 -24.99 -0.22 -12.68
C GLU B 212 -25.40 -1.71 -12.61
N ASN B 213 -24.43 -2.60 -12.55
CA ASN B 213 -24.75 -4.02 -12.38
C ASN B 213 -24.57 -4.45 -10.92
N ASN B 214 -24.99 -3.57 -10.01
CA ASN B 214 -24.86 -3.82 -8.58
C ASN B 214 -25.55 -5.10 -8.14
N ALA B 215 -26.75 -5.35 -8.67
CA ALA B 215 -27.52 -6.53 -8.27
C ALA B 215 -26.81 -7.80 -8.69
N GLU B 216 -26.27 -7.79 -9.90
CA GLU B 216 -25.57 -8.95 -10.42
C GLU B 216 -24.30 -9.23 -9.60
N LEU B 217 -23.56 -8.17 -9.29
CA LEU B 217 -22.32 -8.30 -8.53
C LEU B 217 -22.61 -8.79 -7.11
N ASN B 218 -23.69 -8.28 -6.52
CA ASN B 218 -24.06 -8.68 -5.17
C ASN B 218 -24.47 -10.15 -5.12
N ASN B 219 -25.18 -10.61 -6.14
CA ASN B 219 -25.62 -12.00 -6.24
C ASN B 219 -24.44 -12.94 -6.48
N LEU B 220 -23.50 -12.48 -7.30
CA LEU B 220 -22.32 -13.29 -7.61
C LEU B 220 -21.43 -13.42 -6.38
N ALA B 221 -21.31 -12.33 -5.64
CA ALA B 221 -20.48 -12.33 -4.44
C ALA B 221 -21.10 -13.21 -3.36
N LYS B 222 -22.41 -13.13 -3.22
CA LYS B 222 -23.13 -13.95 -2.24
C LYS B 222 -22.94 -15.44 -2.52
N ALA B 223 -23.02 -15.81 -3.78
CA ALA B 223 -22.87 -17.21 -4.16
C ALA B 223 -21.44 -17.67 -3.94
N ALA B 224 -20.49 -16.80 -4.27
CA ALA B 224 -19.08 -17.13 -4.13
C ALA B 224 -18.69 -17.35 -2.67
N VAL B 225 -19.21 -16.53 -1.77
CA VAL B 225 -18.89 -16.71 -0.36
C VAL B 225 -19.56 -17.96 0.21
N LYS B 226 -20.74 -18.29 -0.31
CA LYS B 226 -21.40 -19.52 0.10
C LYS B 226 -20.57 -20.72 -0.35
N GLU B 227 -20.03 -20.63 -1.56
CA GLU B 227 -19.17 -21.69 -2.09
C GLU B 227 -17.88 -21.83 -1.27
N LEU B 228 -17.26 -20.70 -0.94
CA LEU B 228 -16.02 -20.72 -0.16
C LEU B 228 -16.21 -21.39 1.19
N ALA B 229 -17.39 -21.20 1.78
CA ALA B 229 -17.63 -21.67 3.13
C ALA B 229 -17.77 -23.19 3.20
N THR B 230 -18.07 -23.84 2.08
CA THR B 230 -18.34 -25.27 2.08
C THR B 230 -17.13 -26.10 2.53
N LEU B 231 -15.93 -25.55 2.36
CA LEU B 231 -14.73 -26.35 2.56
C LEU B 231 -14.34 -26.46 4.03
N TYR B 232 -14.33 -25.33 4.73
CA TYR B 232 -13.90 -25.28 6.14
C TYR B 232 -14.82 -24.42 6.99
N GLY B 233 -15.91 -23.96 6.40
CA GLY B 233 -16.88 -23.18 7.14
C GLY B 233 -16.49 -21.72 7.36
N THR B 234 -15.51 -21.25 6.61
CA THR B 234 -15.03 -19.89 6.77
C THR B 234 -16.09 -18.89 6.27
N LYS B 235 -16.37 -17.90 7.11
CA LYS B 235 -17.43 -16.94 6.82
C LYS B 235 -16.89 -15.62 6.28
N TYR B 236 -17.31 -15.28 5.07
CA TYR B 236 -16.95 -14.02 4.44
C TYR B 236 -18.18 -13.10 4.41
N THR B 237 -17.97 -11.80 4.43
CA THR B 237 -19.02 -10.84 4.08
C THR B 237 -18.69 -10.24 2.73
N TYR B 238 -19.61 -9.46 2.18
CA TYR B 238 -19.45 -8.93 0.81
C TYR B 238 -20.28 -7.67 0.58
N GLY B 239 -19.89 -6.89 -0.42
CA GLY B 239 -20.65 -5.71 -0.77
C GLY B 239 -19.79 -4.66 -1.46
N PRO B 240 -20.37 -3.49 -1.76
CA PRO B 240 -19.58 -2.39 -2.37
C PRO B 240 -18.49 -1.94 -1.41
N GLY B 241 -17.34 -1.58 -1.94
CA GLY B 241 -16.21 -1.24 -1.10
C GLY B 241 -16.47 -0.15 -0.06
N ALA B 242 -17.03 0.97 -0.49
CA ALA B 242 -17.14 2.11 0.41
C ALA B 242 -17.98 1.80 1.64
N THR B 243 -19.12 1.15 1.42
CA THR B 243 -20.05 0.88 2.52
C THR B 243 -19.64 -0.35 3.34
N THR B 244 -18.89 -1.26 2.73
CA THR B 244 -18.54 -2.52 3.39
C THR B 244 -17.28 -2.41 4.24
N ILE B 245 -16.34 -1.58 3.81
CA ILE B 245 -15.15 -1.31 4.64
C ILE B 245 -15.06 0.16 5.00
N TYR B 246 -14.52 0.97 4.09
CA TYR B 246 -14.56 2.43 4.22
C TYR B 246 -14.26 3.03 2.86
N PRO B 247 -14.58 4.31 2.67
CA PRO B 247 -14.22 4.98 1.42
C PRO B 247 -12.71 4.93 1.18
N ALA B 248 -12.32 4.75 -0.07
CA ALA B 248 -10.91 4.73 -0.42
C ALA B 248 -10.80 4.94 -1.92
N ALA B 249 -10.46 6.17 -2.33
CA ALA B 249 -10.33 6.48 -3.74
C ALA B 249 -9.00 5.97 -4.28
N GLY B 250 -8.92 5.81 -5.60
CA GLY B 250 -7.66 5.45 -6.22
C GLY B 250 -7.39 3.96 -6.24
N GLY B 251 -8.44 3.16 -6.06
CA GLY B 251 -8.29 1.72 -6.04
C GLY B 251 -8.28 1.11 -7.43
N SER B 252 -7.53 0.01 -7.58
CA SER B 252 -7.36 -0.61 -8.89
C SER B 252 -8.64 -1.30 -9.36
N ASP B 253 -9.40 -1.83 -8.41
CA ASP B 253 -10.65 -2.49 -8.78
C ASP B 253 -11.67 -1.49 -9.32
N ASP B 254 -11.76 -0.32 -8.69
CA ASP B 254 -12.63 0.72 -9.21
C ASP B 254 -12.14 1.21 -10.57
N TRP B 255 -10.83 1.35 -10.72
CA TRP B 255 -10.30 1.80 -12.01
C TRP B 255 -10.62 0.83 -13.12
N ALA B 256 -10.40 -0.46 -12.87
CA ALA B 256 -10.67 -1.47 -13.88
C ALA B 256 -12.14 -1.46 -14.28
N TYR B 257 -13.02 -1.34 -13.29
CA TYR B 257 -14.44 -1.30 -13.55
C TYR B 257 -14.78 -0.11 -14.45
N ASP B 258 -14.20 1.05 -14.14
CA ASP B 258 -14.47 2.27 -14.90
C ASP B 258 -13.92 2.18 -16.32
N GLN B 259 -13.03 1.21 -16.57
CA GLN B 259 -12.52 0.99 -17.91
C GLN B 259 -13.45 0.08 -18.72
N GLY B 260 -14.43 -0.49 -18.04
CA GLY B 260 -15.42 -1.31 -18.72
C GLY B 260 -15.38 -2.78 -18.36
N ILE B 261 -14.54 -3.12 -17.38
CA ILE B 261 -14.46 -4.51 -16.92
C ILE B 261 -15.54 -4.71 -15.86
N LYS B 262 -16.62 -5.37 -16.26
CA LYS B 262 -17.87 -5.34 -15.50
C LYS B 262 -17.82 -6.20 -14.25
N TYR B 263 -16.90 -7.16 -14.24
CA TYR B 263 -16.73 -8.03 -13.08
C TYR B 263 -15.40 -7.72 -12.43
N SER B 264 -15.46 -6.95 -11.34
CA SER B 264 -14.25 -6.47 -10.68
C SER B 264 -14.40 -6.66 -9.19
N PHE B 265 -13.47 -7.39 -8.59
CA PHE B 265 -13.61 -7.78 -7.19
C PHE B 265 -12.29 -7.66 -6.44
N THR B 266 -12.38 -7.17 -5.20
CA THR B 266 -11.28 -7.27 -4.26
C THR B 266 -11.59 -8.36 -3.24
N PHE B 267 -10.67 -9.30 -3.07
CA PHE B 267 -10.78 -10.31 -2.03
C PHE B 267 -9.93 -9.91 -0.83
N GLU B 268 -10.52 -10.00 0.37
CA GLU B 268 -9.74 -9.87 1.61
C GLU B 268 -9.75 -11.24 2.28
N LEU B 269 -8.59 -11.88 2.34
CA LEU B 269 -8.52 -13.25 2.82
C LEU B 269 -8.46 -13.29 4.35
N ARG B 270 -8.19 -14.47 4.91
CA ARG B 270 -8.09 -14.66 6.36
C ARG B 270 -7.04 -13.73 6.98
N ASP B 271 -7.17 -13.44 8.27
CA ASP B 271 -8.34 -13.83 9.05
C ASP B 271 -9.23 -12.63 9.39
N LYS B 272 -9.75 -12.59 10.61
CA LYS B 272 -10.57 -11.46 11.04
C LYS B 272 -9.86 -10.60 12.08
N GLY B 273 -8.58 -10.86 12.28
CA GLY B 273 -7.80 -9.98 13.14
C GLY B 273 -7.04 -10.70 14.26
N ARG B 274 -7.33 -11.97 14.48
CA ARG B 274 -6.63 -12.71 15.52
C ARG B 274 -5.13 -12.67 15.24
N TYR B 275 -4.74 -12.95 14.01
CA TYR B 275 -3.36 -12.85 13.60
C TYR B 275 -3.14 -11.67 12.66
N GLY B 276 -4.21 -11.27 11.98
CA GLY B 276 -4.12 -10.13 11.09
C GLY B 276 -3.18 -10.43 9.93
N PHE B 277 -2.23 -9.53 9.70
CA PHE B 277 -1.29 -9.68 8.60
C PHE B 277 -0.31 -10.83 8.84
N ILE B 278 -0.10 -11.20 10.11
CA ILE B 278 0.89 -12.23 10.42
C ILE B 278 0.19 -13.59 10.54
N LEU B 279 -0.52 -13.96 9.48
CA LEU B 279 -1.25 -15.21 9.44
C LEU B 279 -0.27 -16.38 9.43
N PRO B 280 -0.46 -17.36 10.33
CA PRO B 280 0.47 -18.48 10.45
C PRO B 280 0.60 -19.28 9.15
N GLU B 281 1.82 -19.69 8.83
CA GLU B 281 2.03 -20.51 7.63
C GLU B 281 1.16 -21.76 7.66
N SER B 282 0.78 -22.21 8.86
CA SER B 282 -0.04 -23.40 8.99
C SER B 282 -1.44 -23.23 8.41
N GLN B 283 -1.83 -21.98 8.12
CA GLN B 283 -3.14 -21.70 7.55
C GLN B 283 -3.09 -21.38 6.05
N ILE B 284 -1.90 -21.40 5.46
CA ILE B 284 -1.79 -21.08 4.05
C ILE B 284 -2.60 -22.05 3.18
N GLN B 285 -2.45 -23.35 3.42
CA GLN B 285 -3.13 -24.35 2.61
C GLN B 285 -4.65 -24.18 2.64
N ALA B 286 -5.22 -24.11 3.84
CA ALA B 286 -6.66 -24.02 3.99
C ALA B 286 -7.20 -22.71 3.41
N THR B 287 -6.49 -21.62 3.66
CA THR B 287 -6.91 -20.33 3.15
C THR B 287 -6.94 -20.36 1.62
N CYS B 288 -5.87 -20.85 1.01
CA CYS B 288 -5.81 -20.86 -0.45
C CYS B 288 -6.82 -21.80 -1.10
N GLU B 289 -7.04 -22.97 -0.50
CA GLU B 289 -7.99 -23.93 -1.08
C GLU B 289 -9.42 -23.38 -1.09
N GLU B 290 -9.86 -22.79 0.02
CA GLU B 290 -11.22 -22.25 0.07
C GLU B 290 -11.33 -21.04 -0.85
N THR B 291 -10.27 -20.24 -0.93
CA THR B 291 -10.26 -19.08 -1.80
C THR B 291 -10.37 -19.52 -3.27
N MET B 292 -9.69 -20.62 -3.61
CA MET B 292 -9.77 -21.20 -4.96
C MET B 292 -11.22 -21.46 -5.37
N LEU B 293 -12.04 -21.95 -4.45
CA LEU B 293 -13.42 -22.25 -4.79
C LEU B 293 -14.19 -21.00 -5.20
N ALA B 294 -13.95 -19.89 -4.49
CA ALA B 294 -14.58 -18.63 -4.85
C ALA B 294 -14.10 -18.16 -6.23
N ILE B 295 -12.80 -18.24 -6.45
CA ILE B 295 -12.23 -17.77 -7.71
C ILE B 295 -12.79 -18.57 -8.88
N LYS B 296 -12.86 -19.89 -8.72
CA LYS B 296 -13.38 -20.74 -9.78
C LYS B 296 -14.88 -20.51 -10.00
N TYR B 297 -15.61 -20.23 -8.92
CA TYR B 297 -17.03 -19.93 -9.08
C TYR B 297 -17.21 -18.69 -9.95
N VAL B 298 -16.47 -17.64 -9.61
CA VAL B 298 -16.55 -16.39 -10.37
C VAL B 298 -16.16 -16.60 -11.83
N THR B 299 -15.11 -17.38 -12.05
CA THR B 299 -14.61 -17.63 -13.40
C THR B 299 -15.66 -18.36 -14.22
N ASN B 300 -16.30 -19.35 -13.62
CA ASN B 300 -17.31 -20.12 -14.32
C ASN B 300 -18.47 -19.20 -14.70
N TYR B 301 -18.82 -18.28 -13.79
CA TYR B 301 -19.88 -17.34 -14.07
C TYR B 301 -19.50 -16.45 -15.25
N VAL B 302 -18.30 -15.89 -15.21
CA VAL B 302 -17.85 -14.97 -16.24
C VAL B 302 -17.81 -15.64 -17.61
N LEU B 303 -17.32 -16.87 -17.65
CA LEU B 303 -17.30 -17.64 -18.89
C LEU B 303 -18.70 -17.72 -19.50
N GLY B 304 -19.69 -17.94 -18.64
CA GLY B 304 -21.05 -18.10 -19.12
C GLY B 304 -21.69 -16.79 -19.53
N HIS B 305 -21.08 -15.68 -19.14
CA HIS B 305 -21.62 -14.36 -19.45
C HIS B 305 -20.61 -13.52 -20.21
N LEU B 306 -20.14 -14.04 -21.33
CA LEU B 306 -19.23 -13.31 -22.20
C LEU B 306 -20.04 -12.51 -23.21
N GLY C 3 -17.06 30.54 30.63
CA GLY C 3 -16.38 29.43 29.99
C GLY C 3 -17.28 28.21 29.83
N HIS C 4 -17.11 27.51 28.72
CA HIS C 4 -17.97 26.37 28.40
C HIS C 4 -17.60 25.12 29.18
N SER C 5 -18.61 24.36 29.58
CA SER C 5 -18.43 23.05 30.20
C SER C 5 -19.54 22.10 29.75
N TYR C 6 -19.14 20.89 29.36
CA TYR C 6 -20.10 19.87 28.96
C TYR C 6 -20.84 19.28 30.15
N GLU C 7 -20.35 19.57 31.35
CA GLU C 7 -20.96 19.08 32.59
C GLU C 7 -21.63 20.18 33.40
N LYS C 8 -21.91 21.31 32.75
CA LYS C 8 -22.70 22.36 33.37
C LYS C 8 -23.66 22.92 32.31
N TYR C 9 -24.68 23.63 32.76
CA TYR C 9 -25.59 24.30 31.83
C TYR C 9 -24.98 25.62 31.40
N ASN C 10 -24.97 25.86 30.10
CA ASN C 10 -24.32 27.04 29.53
C ASN C 10 -25.36 28.03 29.01
N ASN C 11 -25.17 29.32 29.29
CA ASN C 11 -26.10 30.33 28.76
C ASN C 11 -25.87 30.50 27.27
N TRP C 12 -26.75 31.23 26.61
CA TRP C 12 -26.71 31.30 25.16
C TRP C 12 -25.40 31.90 24.66
N GLU C 13 -24.94 32.96 25.32
CA GLU C 13 -23.68 33.59 24.92
C GLU C 13 -22.58 32.53 24.82
N THR C 14 -22.51 31.69 25.85
CA THR C 14 -21.48 30.64 25.90
C THR C 14 -21.69 29.57 24.84
N ILE C 15 -22.93 29.14 24.67
CA ILE C 15 -23.25 28.13 23.66
C ILE C 15 -22.91 28.65 22.27
N GLU C 16 -23.33 29.88 22.00
CA GLU C 16 -23.02 30.52 20.72
C GLU C 16 -21.52 30.55 20.48
N ALA C 17 -20.75 31.01 21.46
CA ALA C 17 -19.30 31.05 21.34
C ALA C 17 -18.75 29.63 21.15
N TRP C 18 -19.41 28.65 21.76
CA TRP C 18 -19.01 27.26 21.62
C TRP C 18 -19.22 26.76 20.19
N THR C 19 -20.34 27.13 19.57
CA THR C 19 -20.60 26.68 18.21
C THR C 19 -19.50 27.17 17.28
N LYS C 20 -18.96 28.35 17.60
CA LYS C 20 -17.89 28.93 16.79
C LYS C 20 -16.59 28.20 17.04
N GLN C 21 -16.30 27.93 18.30
CA GLN C 21 -15.02 27.33 18.70
C GLN C 21 -14.90 25.88 18.26
N VAL C 22 -15.94 25.09 18.49
CA VAL C 22 -15.87 23.67 18.18
C VAL C 22 -15.80 23.47 16.66
N THR C 23 -16.33 24.43 15.91
CA THR C 23 -16.23 24.38 14.46
C THR C 23 -14.80 24.70 14.01
N SER C 24 -14.21 25.74 14.60
CA SER C 24 -12.85 26.12 14.25
C SER C 24 -11.85 25.02 14.61
N GLU C 25 -12.14 24.30 15.69
CA GLU C 25 -11.23 23.27 16.17
C GLU C 25 -11.34 21.98 15.37
N ASN C 26 -12.42 21.85 14.59
CA ASN C 26 -12.69 20.63 13.84
C ASN C 26 -13.17 20.91 12.41
N PRO C 27 -12.35 21.61 11.63
CA PRO C 27 -12.75 22.08 10.29
C PRO C 27 -13.06 20.97 9.28
N ASP C 28 -12.56 19.77 9.55
CA ASP C 28 -12.74 18.66 8.61
C ASP C 28 -13.96 17.81 8.97
N LEU C 29 -14.67 18.20 10.02
CA LEU C 29 -15.77 17.40 10.53
C LEU C 29 -17.01 18.25 10.80
N ILE C 30 -16.82 19.55 10.97
CA ILE C 30 -17.92 20.43 11.35
C ILE C 30 -17.95 21.71 10.53
N SER C 31 -19.14 22.07 10.05
CA SER C 31 -19.36 23.40 9.50
C SER C 31 -20.60 24.00 10.18
N ARG C 32 -20.69 25.33 10.17
CA ARG C 32 -21.76 26.00 10.88
C ARG C 32 -22.48 27.00 10.00
N THR C 33 -23.80 26.94 10.02
CA THR C 33 -24.60 27.95 9.32
C THR C 33 -25.67 28.48 10.26
N ALA C 34 -26.41 29.48 9.79
CA ALA C 34 -27.56 29.99 10.51
C ALA C 34 -28.77 29.83 9.60
N ILE C 35 -29.84 29.23 10.12
CA ILE C 35 -30.99 28.92 9.28
C ILE C 35 -32.03 30.02 9.32
N GLY C 36 -31.78 31.04 10.13
CA GLY C 36 -32.72 32.13 10.26
C GLY C 36 -32.43 32.90 11.54
N THR C 37 -33.35 33.79 11.92
CA THR C 37 -33.19 34.53 13.16
C THR C 37 -34.45 34.41 14.02
N THR C 38 -34.32 34.68 15.31
CA THR C 38 -35.45 34.62 16.21
C THR C 38 -36.24 35.93 16.20
N PHE C 39 -37.37 35.94 16.91
CA PHE C 39 -38.17 37.15 17.05
C PHE C 39 -37.35 38.33 17.54
N LEU C 40 -36.41 38.06 18.46
CA LEU C 40 -35.57 39.11 19.03
C LEU C 40 -34.28 39.32 18.23
N GLY C 41 -34.14 38.60 17.13
CA GLY C 41 -33.04 38.86 16.21
C GLY C 41 -31.76 38.09 16.46
N ASN C 42 -31.86 36.97 17.18
CA ASN C 42 -30.70 36.11 17.43
C ASN C 42 -30.53 35.08 16.31
N ASN C 43 -29.28 34.76 15.98
CA ASN C 43 -29.01 33.78 14.92
C ASN C 43 -29.30 32.36 15.38
N ILE C 44 -30.12 31.64 14.61
CA ILE C 44 -30.38 30.24 14.90
C ILE C 44 -29.30 29.39 14.24
N TYR C 45 -28.35 28.93 15.03
CA TYR C 45 -27.22 28.20 14.48
C TYR C 45 -27.49 26.72 14.26
N LEU C 46 -26.90 26.20 13.19
CA LEU C 46 -26.99 24.80 12.84
C LEU C 46 -25.58 24.28 12.60
N LEU C 47 -25.24 23.15 13.23
CA LEU C 47 -23.97 22.50 12.99
C LEU C 47 -24.16 21.29 12.08
N LYS C 48 -23.30 21.16 11.08
CA LYS C 48 -23.31 19.99 10.20
C LYS C 48 -22.10 19.15 10.53
N VAL C 49 -22.34 18.00 11.14
CA VAL C 49 -21.26 17.14 11.62
C VAL C 49 -21.10 15.96 10.69
N GLY C 50 -19.89 15.79 10.15
CA GLY C 50 -19.63 14.65 9.29
C GLY C 50 -18.48 14.89 8.35
N LYS C 51 -17.95 13.79 7.80
CA LYS C 51 -16.86 13.89 6.84
C LYS C 51 -17.42 14.41 5.52
N PRO C 52 -16.94 15.58 5.08
CA PRO C 52 -17.54 16.23 3.90
C PRO C 52 -17.49 15.34 2.66
N GLY C 53 -18.60 15.30 1.93
CA GLY C 53 -18.66 14.47 0.73
C GLY C 53 -19.90 14.78 -0.09
N PRO C 54 -19.95 14.31 -1.33
CA PRO C 54 -21.13 14.49 -2.20
C PRO C 54 -22.29 13.58 -1.83
N ASN C 55 -23.50 14.06 -2.08
CA ASN C 55 -24.71 13.22 -2.04
C ASN C 55 -24.90 12.46 -0.73
N LYS C 56 -24.59 13.10 0.39
CA LYS C 56 -24.70 12.44 1.68
C LYS C 56 -26.12 12.53 2.25
N PRO C 57 -26.66 11.40 2.69
CA PRO C 57 -27.90 11.45 3.48
C PRO C 57 -27.59 12.12 4.82
N ALA C 58 -28.63 12.50 5.55
CA ALA C 58 -28.43 13.14 6.85
C ALA C 58 -29.42 12.68 7.89
N ILE C 59 -29.05 12.83 9.16
CA ILE C 59 -30.01 12.77 10.25
C ILE C 59 -30.08 14.15 10.89
N PHE C 60 -31.29 14.59 11.21
CA PHE C 60 -31.48 15.91 11.79
C PHE C 60 -31.89 15.78 13.25
N MET C 61 -31.16 16.46 14.13
CA MET C 61 -31.52 16.50 15.54
C MET C 61 -31.57 17.94 16.05
N ASP C 62 -32.65 18.28 16.76
CA ASP C 62 -32.72 19.58 17.43
C ASP C 62 -32.95 19.45 18.93
N CYS C 63 -32.44 20.43 19.67
CA CYS C 63 -32.67 20.53 21.10
C CYS C 63 -33.22 21.90 21.41
N GLY C 64 -33.76 22.08 22.61
CA GLY C 64 -34.12 23.41 23.06
C GLY C 64 -35.35 24.02 22.41
N PHE C 65 -36.28 23.17 21.96
CA PHE C 65 -37.61 23.64 21.56
C PHE C 65 -38.22 24.40 22.73
N HIS C 66 -38.17 23.79 23.92
CA HIS C 66 -38.79 24.37 25.11
C HIS C 66 -37.75 24.93 26.06
N ALA C 67 -37.89 26.22 26.38
CA ALA C 67 -36.82 26.99 26.98
C ALA C 67 -36.30 26.42 28.30
N ARG C 68 -37.22 25.93 29.14
CA ARG C 68 -36.87 25.49 30.48
C ARG C 68 -36.28 24.08 30.53
N GLU C 69 -36.33 23.38 29.41
CA GLU C 69 -35.81 22.00 29.37
C GLU C 69 -34.30 21.95 29.14
N TRP C 70 -33.55 22.38 30.14
CA TRP C 70 -32.12 22.63 30.00
C TRP C 70 -31.26 21.42 29.66
N ILE C 71 -31.67 20.24 30.10
CA ILE C 71 -30.90 19.03 29.82
C ILE C 71 -30.93 18.75 28.32
N SER C 72 -31.96 19.24 27.63
CA SER C 72 -32.04 19.10 26.18
C SER C 72 -30.90 19.84 25.48
N HIS C 73 -30.74 21.12 25.79
CA HIS C 73 -29.65 21.90 25.20
C HIS C 73 -28.33 21.21 25.51
N ALA C 74 -28.20 20.75 26.75
CA ALA C 74 -26.95 20.13 27.20
C ALA C 74 -26.59 18.93 26.32
N PHE C 75 -27.59 18.14 25.95
CA PHE C 75 -27.33 16.94 25.17
C PHE C 75 -26.84 17.19 23.75
N CYS C 76 -27.39 18.18 23.06
CA CYS C 76 -26.92 18.47 21.71
C CYS C 76 -25.43 18.80 21.73
N GLN C 77 -25.00 19.55 22.74
CA GLN C 77 -23.59 19.88 22.86
C GLN C 77 -22.77 18.62 23.12
N TRP C 78 -23.27 17.77 24.01
CA TRP C 78 -22.57 16.52 24.34
C TRP C 78 -22.42 15.63 23.10
N PHE C 79 -23.48 15.56 22.29
CA PHE C 79 -23.45 14.70 21.11
C PHE C 79 -22.32 15.13 20.18
N VAL C 80 -22.20 16.44 19.97
CA VAL C 80 -21.22 16.94 19.03
C VAL C 80 -19.81 16.55 19.44
N ARG C 81 -19.49 16.71 20.72
CA ARG C 81 -18.16 16.37 21.18
C ARG C 81 -17.87 14.88 21.04
N GLU C 82 -18.85 14.05 21.38
CA GLU C 82 -18.70 12.61 21.22
C GLU C 82 -18.37 12.25 19.77
N ALA C 83 -19.07 12.90 18.84
CA ALA C 83 -18.90 12.61 17.42
C ALA C 83 -17.49 12.98 16.97
N VAL C 84 -17.06 14.19 17.28
CA VAL C 84 -15.75 14.66 16.86
C VAL C 84 -14.60 13.96 17.57
N LEU C 85 -14.86 13.45 18.78
CA LEU C 85 -13.81 12.82 19.56
C LEU C 85 -13.67 11.30 19.38
N THR C 86 -14.72 10.65 18.86
CA THR C 86 -14.65 9.21 18.63
C THR C 86 -14.48 8.87 17.14
N TYR C 87 -14.68 9.86 16.27
CA TYR C 87 -14.50 9.63 14.85
C TYR C 87 -13.05 9.26 14.54
N GLY C 88 -12.87 8.14 13.84
CA GLY C 88 -11.53 7.67 13.53
C GLY C 88 -10.98 6.70 14.56
N TYR C 89 -11.68 6.56 15.68
CA TYR C 89 -11.26 5.65 16.75
C TYR C 89 -12.20 4.46 16.90
N GLU C 90 -13.50 4.72 16.80
CA GLU C 90 -14.52 3.69 16.95
C GLU C 90 -15.16 3.41 15.60
N SER C 91 -15.42 2.14 15.32
CA SER C 91 -15.89 1.73 14.00
C SER C 91 -17.23 2.38 13.63
N HIS C 92 -18.18 2.34 14.56
CA HIS C 92 -19.53 2.82 14.27
C HIS C 92 -19.59 4.31 13.95
N MET C 93 -19.05 5.15 14.83
CA MET C 93 -19.10 6.59 14.60
C MET C 93 -18.33 6.95 13.34
N THR C 94 -17.25 6.23 13.07
CA THR C 94 -16.47 6.50 11.88
C THR C 94 -17.29 6.18 10.64
N GLU C 95 -17.97 5.04 10.65
CA GLU C 95 -18.89 4.69 9.57
C GLU C 95 -20.01 5.72 9.44
N PHE C 96 -20.58 6.10 10.57
CA PHE C 96 -21.66 7.08 10.62
C PHE C 96 -21.29 8.35 9.85
N LEU C 97 -20.19 8.98 10.26
CA LEU C 97 -19.83 10.29 9.75
C LEU C 97 -19.27 10.23 8.34
N ASN C 98 -18.78 9.07 7.94
CA ASN C 98 -18.31 8.89 6.57
C ASN C 98 -19.47 8.85 5.60
N LYS C 99 -20.51 8.09 5.97
CA LYS C 99 -21.65 7.88 5.09
C LYS C 99 -22.66 9.02 5.19
N LEU C 100 -22.90 9.52 6.40
CA LEU C 100 -23.93 10.53 6.57
C LEU C 100 -23.48 11.77 7.31
N ASP C 101 -24.30 12.82 7.25
CA ASP C 101 -24.12 14.02 8.04
C ASP C 101 -25.12 14.05 9.18
N PHE C 102 -24.70 14.58 10.33
CA PHE C 102 -25.64 14.93 11.40
C PHE C 102 -25.88 16.43 11.39
N TYR C 103 -27.13 16.83 11.17
CA TYR C 103 -27.51 18.23 11.37
C TYR C 103 -27.94 18.42 12.81
N VAL C 104 -27.14 19.15 13.57
CA VAL C 104 -27.42 19.39 14.99
C VAL C 104 -27.79 20.84 15.24
N LEU C 105 -29.02 21.07 15.67
CA LEU C 105 -29.47 22.42 15.99
C LEU C 105 -29.51 22.50 17.51
N PRO C 106 -28.49 23.14 18.12
CA PRO C 106 -28.28 23.12 19.58
C PRO C 106 -29.41 23.76 20.37
N VAL C 107 -29.87 24.92 19.92
CA VAL C 107 -30.99 25.62 20.55
C VAL C 107 -31.90 26.23 19.50
N LEU C 108 -33.15 25.78 19.44
CA LEU C 108 -34.12 26.37 18.52
C LEU C 108 -34.73 27.63 19.11
N ASN C 109 -35.25 27.50 20.33
CA ASN C 109 -35.94 28.61 20.98
C ASN C 109 -34.96 29.44 21.80
N ILE C 110 -34.11 30.20 21.10
CA ILE C 110 -33.03 30.95 21.75
C ILE C 110 -33.56 32.08 22.64
N ASP C 111 -34.57 32.80 22.17
CA ASP C 111 -35.13 33.90 22.95
C ASP C 111 -35.67 33.38 24.29
N GLY C 112 -36.37 32.25 24.24
CA GLY C 112 -36.92 31.69 25.47
C GLY C 112 -35.83 31.25 26.41
N TYR C 113 -34.79 30.62 25.86
CA TYR C 113 -33.70 30.09 26.67
C TYR C 113 -32.99 31.22 27.40
N ILE C 114 -32.71 32.31 26.69
CA ILE C 114 -32.13 33.48 27.32
C ILE C 114 -33.04 33.96 28.44
N TYR C 115 -34.35 33.90 28.22
CA TYR C 115 -35.30 34.40 29.19
C TYR C 115 -35.28 33.55 30.46
N THR C 116 -34.97 32.26 30.31
CA THR C 116 -34.92 31.36 31.47
C THR C 116 -33.67 31.58 32.30
N TRP C 117 -32.66 32.19 31.70
CA TRP C 117 -31.43 32.55 32.40
C TRP C 117 -31.50 33.93 33.06
N THR C 118 -32.23 34.85 32.45
CA THR C 118 -32.26 36.24 32.91
C THR C 118 -33.44 36.53 33.84
N LYS C 119 -34.57 35.89 33.59
CA LYS C 119 -35.81 36.24 34.28
C LYS C 119 -36.53 35.02 34.86
N ASN C 120 -37.14 34.23 34.00
CA ASN C 120 -38.08 33.20 34.45
C ASN C 120 -37.60 31.80 34.08
N ARG C 121 -37.03 31.09 35.05
CA ARG C 121 -36.46 29.76 34.81
C ARG C 121 -37.49 28.79 34.23
N MET C 122 -38.77 29.04 34.47
CA MET C 122 -39.82 28.14 34.03
C MET C 122 -40.49 28.55 32.73
N TRP C 123 -39.88 29.47 32.00
CA TRP C 123 -40.45 29.87 30.71
C TRP C 123 -40.37 28.72 29.71
N ARG C 124 -41.40 28.60 28.87
CA ARG C 124 -41.51 27.48 27.94
C ARG C 124 -41.55 27.96 26.48
N LYS C 125 -42.39 28.93 26.20
CA LYS C 125 -42.73 29.30 24.83
C LYS C 125 -41.64 30.17 24.20
N THR C 126 -41.90 30.63 22.97
CA THR C 126 -41.08 31.68 22.36
C THR C 126 -41.34 33.00 23.09
N ARG C 127 -40.75 34.09 22.61
CA ARG C 127 -40.94 35.38 23.26
C ARG C 127 -41.57 36.42 22.34
N SER C 128 -42.27 35.98 21.30
CA SER C 128 -42.89 36.89 20.34
C SER C 128 -44.18 37.48 20.89
N THR C 129 -44.56 38.61 20.33
CA THR C 129 -45.76 39.32 20.75
C THR C 129 -46.99 38.77 20.05
N ASN C 130 -48.14 38.87 20.74
CA ASN C 130 -49.40 38.38 20.20
C ASN C 130 -50.36 39.54 20.00
N ALA C 131 -51.01 39.59 18.85
CA ALA C 131 -51.85 40.73 18.49
C ALA C 131 -52.96 40.94 19.52
N GLY C 132 -52.97 42.11 20.14
CA GLY C 132 -54.10 42.50 20.97
C GLY C 132 -54.09 41.96 22.39
N THR C 133 -52.94 41.45 22.83
CA THR C 133 -52.84 40.96 24.19
C THR C 133 -51.44 41.16 24.76
N THR C 134 -51.35 41.27 26.08
CA THR C 134 -50.07 41.46 26.75
C THR C 134 -49.35 40.11 26.91
N CYS C 135 -50.07 39.02 26.69
CA CYS C 135 -49.49 37.70 26.85
C CYS C 135 -48.48 37.40 25.74
N ILE C 136 -47.35 36.82 26.13
CA ILE C 136 -46.22 36.63 25.23
C ILE C 136 -46.02 35.16 24.88
N GLY C 137 -45.68 34.90 23.62
CA GLY C 137 -45.13 33.60 23.27
C GLY C 137 -46.09 32.62 22.64
N THR C 138 -45.55 31.77 21.78
CA THR C 138 -46.28 30.63 21.21
C THR C 138 -45.52 29.35 21.55
N ASP C 139 -46.24 28.26 21.75
CA ASP C 139 -45.59 26.97 21.99
C ASP C 139 -45.05 26.42 20.66
N PRO C 140 -43.72 26.38 20.52
CA PRO C 140 -43.15 25.95 19.25
C PRO C 140 -43.57 24.54 18.85
N ASN C 141 -43.78 23.66 19.84
CA ASN C 141 -44.16 22.29 19.53
C ASN C 141 -45.67 22.12 19.39
N ARG C 142 -46.39 23.24 19.21
CA ARG C 142 -47.77 23.19 18.75
C ARG C 142 -47.96 24.04 17.48
N ASN C 143 -46.84 24.50 16.90
CA ASN C 143 -46.89 25.51 15.86
C ASN C 143 -46.62 24.93 14.46
N PHE C 144 -46.48 23.61 14.37
CA PHE C 144 -46.23 22.97 13.07
C PHE C 144 -47.51 22.47 12.39
N ASP C 145 -47.43 22.35 11.07
CA ASP C 145 -48.60 22.04 10.25
C ASP C 145 -48.88 20.53 10.27
N ALA C 146 -49.20 20.01 11.46
CA ALA C 146 -49.56 18.61 11.62
C ALA C 146 -50.84 18.51 12.44
N GLY C 147 -51.96 18.35 11.76
CA GLY C 147 -53.25 18.44 12.44
C GLY C 147 -53.32 19.69 13.29
N TRP C 148 -52.81 20.80 12.76
CA TRP C 148 -52.51 21.97 13.57
C TRP C 148 -53.67 22.43 14.47
N CYS C 149 -53.39 22.50 15.76
CA CYS C 149 -54.28 23.03 16.79
C CYS C 149 -55.59 22.22 16.95
N THR C 150 -55.63 20.99 16.44
CA THR C 150 -56.85 20.20 16.52
C THR C 150 -57.03 19.50 17.88
N THR C 151 -55.96 19.31 18.61
CA THR C 151 -56.07 18.70 19.94
C THR C 151 -54.84 18.93 20.81
N GLY C 152 -55.04 19.05 22.12
CA GLY C 152 -53.92 19.18 23.03
C GLY C 152 -53.18 20.51 22.92
N ALA C 153 -53.86 21.51 22.35
CA ALA C 153 -53.27 22.84 22.16
C ALA C 153 -54.32 23.89 22.47
N SER C 154 -53.88 25.07 22.88
CA SER C 154 -54.80 26.14 23.23
C SER C 154 -54.83 27.24 22.16
N THR C 155 -56.00 27.83 21.96
CA THR C 155 -56.14 28.98 21.09
C THR C 155 -55.97 30.30 21.85
N ASP C 156 -55.69 30.20 23.14
CA ASP C 156 -55.53 31.36 24.01
C ASP C 156 -54.06 31.73 24.13
N PRO C 157 -53.68 32.95 23.72
CA PRO C 157 -52.27 33.36 23.71
C PRO C 157 -51.63 33.31 25.10
N CYS C 158 -52.46 33.35 26.13
CA CYS C 158 -51.96 33.38 27.49
C CYS C 158 -51.59 32.00 28.03
N ASP C 159 -51.97 30.95 27.30
CA ASP C 159 -51.72 29.59 27.76
C ASP C 159 -50.37 29.05 27.28
N GLU C 160 -49.82 28.10 28.03
CA GLU C 160 -48.49 27.55 27.76
C GLU C 160 -48.43 26.73 26.48
N THR C 161 -49.58 26.26 26.01
CA THR C 161 -49.65 25.45 24.80
C THR C 161 -50.31 26.20 23.64
N TYR C 162 -50.27 27.52 23.69
CA TYR C 162 -50.84 28.34 22.63
C TYR C 162 -50.28 27.88 21.29
N CYS C 163 -51.15 27.61 20.34
CA CYS C 163 -50.71 27.03 19.07
C CYS C 163 -50.25 28.08 18.06
N GLY C 164 -50.50 29.36 18.36
CA GLY C 164 -50.06 30.42 17.46
C GLY C 164 -51.19 30.94 16.59
N SER C 165 -50.90 31.98 15.80
CA SER C 165 -51.91 32.60 14.96
C SER C 165 -52.14 31.79 13.70
N ALA C 166 -51.17 30.94 13.38
CA ALA C 166 -51.26 30.04 12.23
C ALA C 166 -50.07 29.10 12.31
N ALA C 167 -50.13 27.96 11.61
CA ALA C 167 -48.99 27.07 11.56
C ALA C 167 -47.78 27.84 11.07
N GLU C 168 -46.63 27.62 11.73
CA GLU C 168 -45.37 28.26 11.36
C GLU C 168 -45.42 29.79 11.46
N SER C 169 -46.29 30.30 12.33
CA SER C 169 -46.38 31.72 12.57
C SER C 169 -45.09 32.26 13.20
N GLU C 170 -44.39 31.43 13.96
CA GLU C 170 -43.17 31.87 14.63
C GLU C 170 -42.00 31.87 13.65
N LYS C 171 -41.12 32.86 13.77
CA LYS C 171 -39.94 32.90 12.91
C LYS C 171 -39.12 31.63 13.08
N GLU C 172 -39.03 31.14 14.32
CA GLU C 172 -38.19 29.98 14.63
C GLU C 172 -38.70 28.68 14.02
N THR C 173 -40.01 28.46 14.11
CA THR C 173 -40.57 27.24 13.57
C THR C 173 -40.63 27.30 12.04
N LYS C 174 -40.92 28.48 11.49
CA LYS C 174 -40.86 28.64 10.04
C LYS C 174 -39.45 28.36 9.53
N ALA C 175 -38.45 28.88 10.22
CA ALA C 175 -37.06 28.67 9.80
C ALA C 175 -36.71 27.19 9.79
N LEU C 176 -37.19 26.45 10.78
CA LEU C 176 -36.88 25.03 10.90
C LEU C 176 -37.63 24.20 9.85
N ALA C 177 -38.91 24.50 9.68
CA ALA C 177 -39.72 23.85 8.65
C ALA C 177 -39.12 24.13 7.27
N ASP C 178 -38.79 25.39 7.02
CA ASP C 178 -38.20 25.78 5.73
C ASP C 178 -36.92 24.98 5.48
N PHE C 179 -36.05 24.90 6.48
CA PHE C 179 -34.80 24.18 6.30
C PHE C 179 -35.02 22.71 5.99
N ILE C 180 -35.92 22.08 6.74
CA ILE C 180 -36.19 20.67 6.52
C ILE C 180 -36.84 20.43 5.16
N ARG C 181 -37.83 21.24 4.81
CA ARG C 181 -38.44 21.14 3.48
C ARG C 181 -37.40 21.30 2.37
N ASN C 182 -36.44 22.19 2.57
CA ASN C 182 -35.44 22.46 1.54
C ASN C 182 -34.36 21.36 1.50
N ASN C 183 -34.33 20.53 2.52
CA ASN C 183 -33.32 19.47 2.59
C ASN C 183 -33.90 18.06 2.75
N LEU C 184 -35.11 17.86 2.25
CA LEU C 184 -35.68 16.52 2.20
C LEU C 184 -34.82 15.61 1.34
N SER C 185 -33.99 16.21 0.49
CA SER C 185 -33.10 15.43 -0.36
C SER C 185 -32.14 14.58 0.48
N SER C 186 -31.82 15.05 1.68
CA SER C 186 -30.83 14.36 2.51
C SER C 186 -31.40 13.77 3.80
N ILE C 187 -32.28 14.51 4.47
CA ILE C 187 -32.73 14.13 5.80
C ILE C 187 -33.60 12.87 5.82
N LYS C 188 -33.09 11.80 6.41
CA LYS C 188 -33.78 10.52 6.44
C LYS C 188 -34.31 10.14 7.84
N ALA C 189 -33.84 10.86 8.86
CA ALA C 189 -34.40 10.68 10.20
C ALA C 189 -34.48 12.01 10.92
N TYR C 190 -35.48 12.14 11.81
CA TYR C 190 -35.67 13.36 12.58
C TYR C 190 -35.74 13.02 14.06
N LEU C 191 -34.87 13.64 14.85
CA LEU C 191 -34.83 13.42 16.29
C LEU C 191 -34.97 14.76 17.02
N THR C 192 -35.93 14.86 17.92
CA THR C 192 -36.16 16.10 18.63
C THR C 192 -36.09 15.84 20.14
N ILE C 193 -35.28 16.62 20.85
CA ILE C 193 -34.91 16.30 22.23
C ILE C 193 -35.64 17.23 23.21
N HIS C 194 -36.42 16.64 24.12
CA HIS C 194 -37.12 17.38 25.17
C HIS C 194 -36.80 16.77 26.54
N SER C 195 -37.37 17.35 27.59
CA SER C 195 -37.44 16.69 28.91
C SER C 195 -38.69 17.19 29.61
N TYR C 196 -39.14 16.53 30.67
CA TYR C 196 -38.59 15.27 31.16
C TYR C 196 -39.68 14.20 31.05
N SER C 197 -39.35 12.96 31.43
CA SER C 197 -40.30 11.86 31.62
C SER C 197 -39.70 10.52 31.20
N GLN C 198 -38.53 10.55 30.57
CA GLN C 198 -37.83 9.32 30.19
C GLN C 198 -38.69 8.46 29.26
N MET C 199 -38.91 8.99 28.05
CA MET C 199 -39.65 8.29 27.01
C MET C 199 -38.98 8.45 25.66
N ILE C 200 -39.19 7.47 24.78
CA ILE C 200 -39.00 7.66 23.35
C ILE C 200 -40.37 7.62 22.69
N LEU C 201 -40.73 8.69 21.99
CA LEU C 201 -42.03 8.76 21.33
C LEU C 201 -41.88 8.73 19.81
N TYR C 202 -42.83 8.09 19.15
CA TYR C 202 -42.94 8.21 17.70
C TYR C 202 -44.38 8.59 17.33
N PRO C 203 -44.62 8.93 16.06
CA PRO C 203 -45.96 9.35 15.65
C PRO C 203 -47.04 8.29 15.91
N TYR C 204 -48.29 8.71 16.00
CA TYR C 204 -48.68 10.10 15.90
C TYR C 204 -49.07 10.66 17.26
N SER C 205 -48.95 11.99 17.40
CA SER C 205 -49.44 12.69 18.58
C SER C 205 -50.69 13.53 18.29
N TYR C 206 -50.90 13.92 17.03
CA TYR C 206 -52.07 14.73 16.71
C TYR C 206 -53.31 13.88 16.45
N ASP C 207 -53.14 12.57 16.41
CA ASP C 207 -54.27 11.66 16.22
C ASP C 207 -53.94 10.30 16.84
N TYR C 208 -54.96 9.50 17.10
CA TYR C 208 -54.75 8.16 17.66
C TYR C 208 -54.33 7.14 16.61
N LYS C 209 -54.45 7.50 15.33
CA LYS C 209 -54.02 6.62 14.26
C LYS C 209 -52.54 6.28 14.41
N LEU C 210 -52.15 5.08 13.98
CA LEU C 210 -50.75 4.68 14.02
C LEU C 210 -50.08 4.91 12.68
N PRO C 211 -48.76 5.10 12.67
CA PRO C 211 -48.00 5.22 11.42
C PRO C 211 -47.91 3.86 10.72
N GLU C 212 -47.80 3.89 9.40
CA GLU C 212 -47.75 2.67 8.61
C GLU C 212 -46.67 1.71 9.12
N ASN C 213 -45.50 2.25 9.43
CA ASN C 213 -44.39 1.42 9.90
C ASN C 213 -44.31 1.38 11.42
N ASN C 214 -45.46 1.36 12.08
CA ASN C 214 -45.52 1.45 13.52
C ASN C 214 -44.82 0.28 14.22
N ALA C 215 -44.89 -0.90 13.62
CA ALA C 215 -44.21 -2.07 14.18
C ALA C 215 -42.69 -1.91 14.08
N GLU C 216 -42.23 -1.31 12.97
CA GLU C 216 -40.81 -1.03 12.81
C GLU C 216 -40.36 -0.03 13.86
N LEU C 217 -41.13 1.05 14.01
CA LEU C 217 -40.79 2.10 14.96
C LEU C 217 -40.83 1.59 16.40
N ASN C 218 -41.82 0.76 16.72
CA ASN C 218 -41.94 0.23 18.08
C ASN C 218 -40.75 -0.65 18.43
N ASN C 219 -40.34 -1.49 17.49
CA ASN C 219 -39.22 -2.40 17.71
C ASN C 219 -37.91 -1.63 17.88
N LEU C 220 -37.77 -0.54 17.12
CA LEU C 220 -36.58 0.29 17.20
C LEU C 220 -36.54 0.98 18.56
N ALA C 221 -37.64 1.61 18.94
CA ALA C 221 -37.71 2.30 20.23
C ALA C 221 -37.43 1.30 21.34
N LYS C 222 -38.02 0.11 21.22
CA LYS C 222 -37.85 -0.94 22.22
C LYS C 222 -36.38 -1.29 22.40
N ALA C 223 -35.68 -1.50 21.29
CA ALA C 223 -34.25 -1.85 21.38
C ALA C 223 -33.43 -0.67 21.88
N ALA C 224 -33.80 0.54 21.48
CA ALA C 224 -33.06 1.74 21.89
C ALA C 224 -33.16 1.96 23.40
N VAL C 225 -34.34 1.74 23.97
CA VAL C 225 -34.48 1.91 25.41
C VAL C 225 -33.70 0.84 26.17
N LYS C 226 -33.64 -0.36 25.61
CA LYS C 226 -32.84 -1.42 26.20
C LYS C 226 -31.35 -1.02 26.21
N GLU C 227 -30.88 -0.48 25.09
CA GLU C 227 -29.50 -0.01 25.01
C GLU C 227 -29.22 1.07 26.06
N LEU C 228 -30.16 2.00 26.21
CA LEU C 228 -29.96 3.13 27.12
C LEU C 228 -29.83 2.64 28.57
N ALA C 229 -30.62 1.63 28.91
CA ALA C 229 -30.67 1.13 30.29
C ALA C 229 -29.39 0.41 30.74
N THR C 230 -28.56 -0.02 29.79
CA THR C 230 -27.39 -0.82 30.14
C THR C 230 -26.35 -0.06 30.95
N LEU C 231 -26.34 1.27 30.81
CA LEU C 231 -25.30 2.07 31.44
C LEU C 231 -25.57 2.35 32.92
N TYR C 232 -26.74 2.91 33.22
CA TYR C 232 -27.05 3.29 34.60
C TYR C 232 -28.36 2.69 35.10
N GLY C 233 -29.01 1.89 34.26
CA GLY C 233 -30.24 1.23 34.68
C GLY C 233 -31.46 2.11 34.54
N THR C 234 -31.32 3.25 33.85
CA THR C 234 -32.41 4.20 33.69
C THR C 234 -33.53 3.64 32.81
N LYS C 235 -34.76 3.66 33.33
CA LYS C 235 -35.90 3.05 32.64
C LYS C 235 -36.68 4.06 31.81
N TYR C 236 -36.75 3.79 30.51
CA TYR C 236 -37.58 4.57 29.58
C TYR C 236 -38.81 3.77 29.16
N THR C 237 -39.92 4.47 28.92
CA THR C 237 -41.04 3.88 28.22
C THR C 237 -41.08 4.41 26.80
N TYR C 238 -41.99 3.87 25.99
CA TYR C 238 -42.04 4.25 24.59
C TYR C 238 -43.36 3.88 23.93
N GLY C 239 -43.62 4.53 22.79
CA GLY C 239 -44.83 4.26 22.05
C GLY C 239 -45.27 5.48 21.28
N PRO C 240 -46.43 5.40 20.61
CA PRO C 240 -47.02 6.53 19.88
C PRO C 240 -47.27 7.68 20.85
N GLY C 241 -46.98 8.91 20.41
CA GLY C 241 -47.15 10.06 21.28
C GLY C 241 -48.52 10.15 21.93
N ALA C 242 -49.58 9.94 21.16
CA ALA C 242 -50.93 10.25 21.62
C ALA C 242 -51.33 9.41 22.84
N THR C 243 -50.88 8.16 22.88
CA THR C 243 -51.28 7.25 23.94
C THR C 243 -50.19 7.03 24.99
N THR C 244 -48.97 7.41 24.64
CA THR C 244 -47.84 7.19 25.54
C THR C 244 -47.66 8.34 26.53
N ILE C 245 -48.00 9.54 26.10
CA ILE C 245 -47.99 10.67 27.02
C ILE C 245 -49.34 11.42 27.02
N TYR C 246 -49.64 12.11 25.93
CA TYR C 246 -50.98 12.65 25.70
C TYR C 246 -51.09 13.21 24.30
N PRO C 247 -52.32 13.38 23.80
CA PRO C 247 -52.52 13.97 22.48
C PRO C 247 -52.01 15.41 22.43
N ALA C 248 -51.32 15.75 21.35
CA ALA C 248 -50.77 17.09 21.18
C ALA C 248 -50.52 17.33 19.70
N ALA C 249 -51.38 18.14 19.07
CA ALA C 249 -51.25 18.40 17.64
C ALA C 249 -50.21 19.48 17.38
N GLY C 250 -49.74 19.57 16.14
CA GLY C 250 -48.82 20.63 15.77
C GLY C 250 -47.37 20.37 16.16
N GLY C 251 -47.04 19.11 16.43
CA GLY C 251 -45.69 18.77 16.82
C GLY C 251 -44.73 18.59 15.66
N SER C 252 -43.46 18.89 15.87
CA SER C 252 -42.49 18.84 14.79
C SER C 252 -42.21 17.41 14.31
N ASP C 253 -42.27 16.45 15.22
CA ASP C 253 -42.00 15.07 14.84
C ASP C 253 -43.09 14.49 13.95
N ASP C 254 -44.35 14.77 14.26
CA ASP C 254 -45.46 14.37 13.39
C ASP C 254 -45.36 15.07 12.04
N TRP C 255 -45.01 16.36 12.06
CA TRP C 255 -44.90 17.10 10.81
C TRP C 255 -43.79 16.49 9.95
N ALA C 256 -42.63 16.25 10.54
CA ALA C 256 -41.50 15.66 9.83
C ALA C 256 -41.87 14.30 9.25
N TYR C 257 -42.58 13.50 10.05
CA TYR C 257 -43.01 12.20 9.59
C TYR C 257 -43.87 12.33 8.33
N ASP C 258 -44.78 13.29 8.33
CA ASP C 258 -45.69 13.44 7.20
C ASP C 258 -45.03 14.10 5.99
N GLN C 259 -43.79 14.54 6.16
CA GLN C 259 -42.98 14.97 5.02
C GLN C 259 -42.30 13.77 4.37
N GLY C 260 -42.53 12.58 4.92
CA GLY C 260 -41.94 11.38 4.37
C GLY C 260 -40.68 10.93 5.08
N ILE C 261 -40.34 11.60 6.19
CA ILE C 261 -39.20 11.17 6.99
C ILE C 261 -39.64 10.03 7.91
N LYS C 262 -39.28 8.81 7.52
CA LYS C 262 -39.92 7.61 8.06
C LYS C 262 -39.51 7.30 9.48
N TYR C 263 -38.36 7.84 9.87
CA TYR C 263 -37.82 7.61 11.19
C TYR C 263 -37.82 8.91 11.97
N SER C 264 -38.86 9.09 12.78
CA SER C 264 -39.07 10.35 13.49
C SER C 264 -39.38 10.04 14.94
N PHE C 265 -38.61 10.64 15.84
CA PHE C 265 -38.70 10.33 17.27
C PHE C 265 -38.60 11.58 18.14
N THR C 266 -39.40 11.63 19.20
CA THR C 266 -39.18 12.58 20.27
C THR C 266 -38.57 11.87 21.47
N PHE C 267 -37.48 12.42 21.99
CA PHE C 267 -36.88 11.91 23.23
C PHE C 267 -37.27 12.82 24.40
N GLU C 268 -37.74 12.21 25.49
CA GLU C 268 -37.94 12.93 26.76
C GLU C 268 -36.89 12.40 27.73
N LEU C 269 -35.93 13.24 28.11
CA LEU C 269 -34.81 12.77 28.92
C LEU C 269 -35.18 12.75 30.41
N ARG C 270 -34.19 12.58 31.28
CA ARG C 270 -34.42 12.51 32.73
C ARG C 270 -35.02 13.81 33.28
N ASP C 271 -35.69 13.76 34.43
CA ASP C 271 -35.98 12.51 35.12
C ASP C 271 -37.47 12.21 35.03
N LYS C 272 -38.05 11.66 36.10
CA LYS C 272 -39.47 11.33 36.09
C LYS C 272 -40.28 12.28 36.97
N GLY C 273 -39.63 13.35 37.42
CA GLY C 273 -40.36 14.39 38.13
C GLY C 273 -39.79 14.79 39.47
N ARG C 274 -38.80 14.04 39.97
CA ARG C 274 -38.21 14.39 41.25
C ARG C 274 -37.65 15.81 41.18
N TYR C 275 -36.84 16.07 40.16
CA TYR C 275 -36.30 17.41 39.93
C TYR C 275 -36.95 18.08 38.73
N GLY C 276 -37.50 17.26 37.83
CA GLY C 276 -38.23 17.80 36.69
C GLY C 276 -37.33 18.53 35.71
N PHE C 277 -37.69 19.78 35.39
CA PHE C 277 -36.88 20.59 34.48
C PHE C 277 -35.58 21.03 35.13
N ILE C 278 -35.57 21.09 36.45
CA ILE C 278 -34.41 21.59 37.18
C ILE C 278 -33.48 20.43 37.52
N LEU C 279 -33.07 19.68 36.51
CA LEU C 279 -32.20 18.52 36.71
C LEU C 279 -30.83 18.99 37.20
N PRO C 280 -30.33 18.39 38.29
CA PRO C 280 -29.04 18.80 38.84
C PRO C 280 -27.91 18.63 37.83
N GLU C 281 -27.00 19.61 37.80
CA GLU C 281 -25.87 19.56 36.90
C GLU C 281 -25.08 18.26 37.07
N SER C 282 -25.10 17.71 38.28
CA SER C 282 -24.39 16.47 38.59
C SER C 282 -24.96 15.26 37.85
N GLN C 283 -26.10 15.43 37.19
CA GLN C 283 -26.70 14.35 36.43
C GLN C 283 -26.50 14.49 34.93
N ILE C 284 -25.88 15.58 34.51
CA ILE C 284 -25.76 15.86 33.08
C ILE C 284 -24.97 14.78 32.36
N GLN C 285 -23.78 14.46 32.86
CA GLN C 285 -22.92 13.51 32.19
C GLN C 285 -23.61 12.15 32.01
N ALA C 286 -24.18 11.62 33.08
CA ALA C 286 -24.85 10.33 33.02
C ALA C 286 -26.02 10.35 32.06
N THR C 287 -26.81 11.41 32.12
CA THR C 287 -27.98 11.50 31.27
C THR C 287 -27.55 11.48 29.82
N CYS C 288 -26.54 12.29 29.51
CA CYS C 288 -26.04 12.40 28.14
C CYS C 288 -25.37 11.11 27.65
N GLU C 289 -24.60 10.46 28.50
CA GLU C 289 -23.93 9.22 28.11
C GLU C 289 -24.92 8.10 27.77
N GLU C 290 -25.95 7.94 28.58
CA GLU C 290 -26.92 6.88 28.31
C GLU C 290 -27.76 7.20 27.08
N THR C 291 -28.11 8.47 26.91
CA THR C 291 -28.91 8.89 25.77
C THR C 291 -28.13 8.64 24.46
N MET C 292 -26.83 8.88 24.50
CA MET C 292 -25.96 8.62 23.35
C MET C 292 -26.13 7.20 22.82
N LEU C 293 -26.29 6.23 23.73
CA LEU C 293 -26.39 4.84 23.32
C LEU C 293 -27.67 4.60 22.51
N ALA C 294 -28.75 5.27 22.91
CA ALA C 294 -30.01 5.15 22.19
C ALA C 294 -29.89 5.80 20.81
N ILE C 295 -29.26 6.97 20.76
CA ILE C 295 -29.14 7.69 19.51
C ILE C 295 -28.27 6.92 18.52
N LYS C 296 -27.15 6.40 19.00
CA LYS C 296 -26.27 5.62 18.14
C LYS C 296 -26.95 4.35 17.65
N TYR C 297 -27.82 3.75 18.46
CA TYR C 297 -28.51 2.55 18.04
C TYR C 297 -29.46 2.87 16.89
N VAL C 298 -30.24 3.93 17.05
CA VAL C 298 -31.17 4.37 16.01
C VAL C 298 -30.40 4.74 14.76
N THR C 299 -29.29 5.45 14.94
CA THR C 299 -28.48 5.88 13.81
C THR C 299 -27.99 4.68 13.02
N ASN C 300 -27.52 3.65 13.72
CA ASN C 300 -26.98 2.49 13.03
C ASN C 300 -28.05 1.78 12.19
N TYR C 301 -29.28 1.75 12.70
CA TYR C 301 -30.39 1.13 11.97
C TYR C 301 -30.70 1.93 10.72
N VAL C 302 -30.91 3.24 10.89
CA VAL C 302 -31.22 4.11 9.76
C VAL C 302 -30.16 4.00 8.68
N LEU C 303 -28.90 3.86 9.09
CA LEU C 303 -27.79 3.74 8.14
C LEU C 303 -28.06 2.61 7.16
N GLY C 304 -28.74 1.57 7.64
CA GLY C 304 -28.99 0.40 6.81
C GLY C 304 -30.35 0.41 6.14
N HIS C 305 -31.10 1.49 6.32
CA HIS C 305 -32.44 1.58 5.75
C HIS C 305 -32.71 2.96 5.17
N LEU C 306 -31.75 3.47 4.41
CA LEU C 306 -31.87 4.79 3.80
C LEU C 306 -32.84 4.78 2.61
#